data_8QCG
#
_entry.id   8QCG
#
_cell.length_a   46.599
_cell.length_b   71.852
_cell.length_c   101.984
_cell.angle_alpha   90.000
_cell.angle_beta   92.420
_cell.angle_gamma   90.000
#
_symmetry.space_group_name_H-M   'P 1 21 1'
#
loop_
_entity.id
_entity.type
_entity.pdbx_description
1 polymer "Casein kinase II subunit alpha'"
2 non-polymer 'PHOSPHOAMINOPHOSPHONIC ACID-ADENYLATE ESTER'
3 non-polymer 'MAGNESIUM ION'
4 water water
#
_entity_poly.entity_id   1
_entity_poly.type   'polypeptide(L)'
_entity_poly.pdbx_seq_one_letter_code
;MGSSHHHHHHSQDPMPGPAAGSRARVYAEVNSLRSREYWDYEAHVPSWGNQDDYQLVRKLGRGKYSEVFEAINITNNERV
VVKILKPVKKKKIKREVKILENLRGGTNIIKLIDTVKDPVSKTPALVFEYINNTDFKQLYQILTDFDIRFYMYELLKALD
YCHSKGIMHRDVKPHNVMIDHQQKKLRLIDWGLAEFYHPAQEYNVRVASRYFKGPELLVDYQMYDYSLDMWSLGCMLASM
IFRREPFFHGQDNYDQLVRIAKVLGTEELYGYLKKYHIDLDPHFNDILGQHSRKRWENFIHSENRHLVSPEALDLLDKLL
RYDHQQRLTAKEAMEHPYFYPVVKEQSQPSADNAVLSSGLTAAR
;
_entity_poly.pdbx_strand_id   A,B
#
loop_
_chem_comp.id
_chem_comp.type
_chem_comp.name
_chem_comp.formula
ANP non-polymer 'PHOSPHOAMINOPHOSPHONIC ACID-ADENYLATE ESTER' 'C10 H17 N6 O12 P3'
MG non-polymer 'MAGNESIUM ION' 'Mg 2'
#
# COMPACT_ATOMS: atom_id res chain seq x y z
N GLY A 21 29.44 -2.25 -5.54
CA GLY A 21 29.43 -0.83 -5.81
C GLY A 21 29.05 -0.52 -7.24
N SER A 22 28.70 0.74 -7.49
CA SER A 22 28.30 1.18 -8.81
C SER A 22 28.37 2.69 -8.83
N ARG A 23 28.69 3.25 -9.99
CA ARG A 23 28.59 4.69 -10.17
C ARG A 23 28.11 5.01 -11.59
N ALA A 24 27.58 6.21 -11.74
CA ALA A 24 27.14 6.69 -13.04
C ALA A 24 28.30 6.76 -14.02
N ARG A 25 28.03 6.42 -15.29
CA ARG A 25 29.03 6.55 -16.34
C ARG A 25 29.23 7.98 -16.81
N VAL A 26 28.30 8.88 -16.52
CA VAL A 26 28.39 10.27 -16.91
C VAL A 26 27.98 11.12 -15.72
N TYR A 27 28.49 12.34 -15.68
CA TYR A 27 28.11 13.34 -14.71
C TYR A 27 28.29 12.84 -13.27
N ALA A 28 29.25 11.95 -13.03
CA ALA A 28 29.30 11.31 -11.72
C ALA A 28 29.75 12.28 -10.66
N GLU A 29 30.72 13.13 -10.97
CA GLU A 29 31.32 13.98 -9.95
C GLU A 29 30.85 15.42 -10.01
N VAL A 30 29.85 15.72 -10.84
N VAL A 30 29.81 15.71 -10.79
CA VAL A 30 29.51 17.12 -11.09
CA VAL A 30 29.53 17.11 -11.11
C VAL A 30 29.21 17.85 -9.79
C VAL A 30 29.06 17.90 -9.88
N ASN A 31 28.39 17.26 -8.91
CA ASN A 31 27.98 17.99 -7.73
C ASN A 31 29.16 18.32 -6.83
N SER A 32 30.13 17.41 -6.72
CA SER A 32 31.30 17.67 -5.91
C SER A 32 32.12 18.80 -6.48
N LEU A 33 32.02 19.08 -7.78
CA LEU A 33 32.74 20.15 -8.44
C LEU A 33 32.07 21.49 -8.26
N ARG A 34 30.82 21.50 -7.80
CA ARG A 34 30.09 22.73 -7.57
C ARG A 34 30.21 23.18 -6.12
N SER A 35 29.83 24.42 -5.89
CA SER A 35 29.72 24.92 -4.53
C SER A 35 28.77 24.06 -3.70
N ARG A 36 29.10 23.87 -2.43
CA ARG A 36 28.22 23.10 -1.55
C ARG A 36 26.80 23.64 -1.57
N GLU A 37 26.64 24.98 -1.63
CA GLU A 37 25.32 25.58 -1.62
C GLU A 37 24.44 25.02 -2.73
N TYR A 38 25.02 24.58 -3.83
CA TYR A 38 24.24 24.05 -4.94
C TYR A 38 23.42 22.83 -4.54
N TRP A 39 24.03 21.90 -3.82
CA TRP A 39 23.42 20.61 -3.52
C TRP A 39 22.95 20.47 -2.09
N ASP A 40 23.35 21.39 -1.21
CA ASP A 40 23.01 21.29 0.21
C ASP A 40 21.64 21.95 0.42
N TYR A 41 20.61 21.22 -0.03
CA TYR A 41 19.28 21.80 -0.01
CA TYR A 41 19.25 21.77 -0.01
C TYR A 41 18.73 21.98 1.39
N GLU A 42 19.25 21.25 2.39
CA GLU A 42 18.77 21.44 3.75
C GLU A 42 19.09 22.85 4.25
N ALA A 43 20.11 23.48 3.68
CA ALA A 43 20.50 24.83 4.05
C ALA A 43 19.76 25.88 3.25
N HIS A 44 18.94 25.48 2.27
CA HIS A 44 18.21 26.44 1.46
C HIS A 44 17.04 26.99 2.26
N VAL A 45 16.83 28.29 2.17
CA VAL A 45 15.74 28.96 2.89
C VAL A 45 14.82 29.63 1.87
N PRO A 46 13.69 29.02 1.54
CA PRO A 46 12.76 29.68 0.63
C PRO A 46 12.16 30.92 1.27
N SER A 47 11.76 31.86 0.41
N SER A 47 11.72 31.84 0.41
CA SER A 47 11.01 33.04 0.81
CA SER A 47 11.02 33.06 0.83
C SER A 47 9.57 32.83 0.40
C SER A 47 9.56 32.92 0.40
N TRP A 48 8.67 32.77 1.38
CA TRP A 48 7.27 32.46 1.12
C TRP A 48 6.46 33.74 0.95
N GLY A 49 6.02 34.00 -0.27
CA GLY A 49 5.17 35.12 -0.57
C GLY A 49 3.73 34.83 -0.23
N ASN A 50 2.86 35.77 -0.56
CA ASN A 50 1.46 35.73 -0.18
C ASN A 50 0.66 35.14 -1.34
N GLN A 51 0.00 34.00 -1.10
CA GLN A 51 -0.78 33.38 -2.17
C GLN A 51 -2.00 34.19 -2.57
N ASP A 52 -2.41 35.18 -1.79
CA ASP A 52 -3.54 36.04 -2.18
C ASP A 52 -3.24 36.86 -3.42
N ASP A 53 -2.00 36.84 -3.90
CA ASP A 53 -1.70 37.41 -5.20
C ASP A 53 -2.16 36.53 -6.35
N TYR A 54 -2.72 35.35 -6.06
CA TYR A 54 -3.07 34.38 -7.09
C TYR A 54 -4.55 34.02 -6.99
N GLN A 55 -5.23 34.17 -8.08
CA GLN A 55 -6.62 33.80 -8.21
C GLN A 55 -6.70 32.42 -8.83
N LEU A 56 -7.34 31.48 -8.12
CA LEU A 56 -7.37 30.08 -8.54
C LEU A 56 -8.65 29.84 -9.35
N VAL A 57 -8.51 29.64 -10.65
N VAL A 57 -8.51 29.66 -10.65
CA VAL A 57 -9.65 29.71 -11.55
CA VAL A 57 -9.62 29.65 -11.57
C VAL A 57 -10.15 28.36 -12.08
C VAL A 57 -10.19 28.27 -11.78
N ARG A 58 -9.33 27.29 -12.02
CA ARG A 58 -9.72 26.03 -12.60
C ARG A 58 -8.82 24.95 -12.04
N LYS A 59 -9.39 23.82 -11.68
CA LYS A 59 -8.60 22.69 -11.20
C LYS A 59 -8.12 21.90 -12.42
N LEU A 60 -6.81 21.64 -12.46
CA LEU A 60 -6.20 20.92 -13.57
C LEU A 60 -5.87 19.51 -13.14
N GLY A 61 -5.81 18.62 -14.11
CA GLY A 61 -5.39 17.25 -13.86
C GLY A 61 -6.57 16.29 -13.75
N ARG A 62 -6.22 15.00 -13.68
CA ARG A 62 -7.20 13.93 -13.71
C ARG A 62 -7.62 13.43 -12.33
N GLY A 63 -6.79 13.61 -11.31
CA GLY A 63 -7.16 13.16 -9.98
C GLY A 63 -5.98 12.92 -9.07
N LYS A 64 -6.01 11.80 -8.34
CA LYS A 64 -4.98 11.46 -7.34
C LYS A 64 -4.96 12.48 -6.21
N TYR A 65 -6.13 12.96 -5.81
CA TYR A 65 -6.26 13.96 -4.75
C TYR A 65 -5.41 15.20 -5.05
N SER A 66 -5.25 15.51 -6.33
CA SER A 66 -4.39 16.61 -6.74
C SER A 66 -5.02 17.94 -6.39
N GLU A 67 -4.17 18.92 -6.09
CA GLU A 67 -4.58 20.30 -5.82
C GLU A 67 -3.71 21.23 -6.67
N VAL A 68 -3.85 21.11 -7.98
CA VAL A 68 -3.15 21.93 -8.96
C VAL A 68 -4.20 22.76 -9.68
N PHE A 69 -3.99 24.06 -9.73
CA PHE A 69 -4.94 25.00 -10.27
C PHE A 69 -4.29 25.88 -11.35
N GLU A 70 -5.02 26.11 -12.42
CA GLU A 70 -4.76 27.27 -13.26
C GLU A 70 -5.07 28.49 -12.43
N ALA A 71 -4.20 29.48 -12.47
CA ALA A 71 -4.36 30.66 -11.66
C ALA A 71 -3.98 31.88 -12.48
N ILE A 72 -4.37 33.05 -12.00
CA ILE A 72 -3.96 34.32 -12.56
C ILE A 72 -3.29 35.10 -11.44
N ASN A 73 -2.10 35.62 -11.71
CA ASN A 73 -1.45 36.56 -10.80
C ASN A 73 -2.19 37.88 -10.89
N ILE A 74 -2.81 38.31 -9.79
CA ILE A 74 -3.69 39.47 -9.84
C ILE A 74 -2.92 40.76 -10.02
N THR A 75 -1.60 40.75 -9.82
CA THR A 75 -0.81 41.95 -9.95
C THR A 75 -0.37 42.21 -11.39
N ASN A 76 -0.23 41.17 -12.21
CA ASN A 76 0.20 41.35 -13.59
C ASN A 76 -0.71 40.65 -14.59
N ASN A 77 -1.76 39.97 -14.13
CA ASN A 77 -2.75 39.31 -14.98
C ASN A 77 -2.13 38.18 -15.80
N GLU A 78 -1.03 37.61 -15.32
CA GLU A 78 -0.41 36.47 -16.00
C GLU A 78 -0.98 35.13 -15.53
N ARG A 79 -1.24 34.25 -16.50
CA ARG A 79 -1.71 32.91 -16.22
C ARG A 79 -0.54 32.04 -15.79
N VAL A 80 -0.71 31.34 -14.67
CA VAL A 80 0.28 30.49 -14.05
C VAL A 80 -0.44 29.25 -13.55
N VAL A 81 0.32 28.37 -12.90
CA VAL A 81 -0.23 27.21 -12.21
C VAL A 81 0.20 27.26 -10.75
N VAL A 82 -0.73 27.02 -9.84
CA VAL A 82 -0.46 26.94 -8.42
C VAL A 82 -0.68 25.51 -7.96
N LYS A 83 0.36 24.91 -7.40
CA LYS A 83 0.31 23.57 -6.85
C LYS A 83 0.38 23.68 -5.34
N ILE A 84 -0.71 23.33 -4.67
CA ILE A 84 -0.77 23.38 -3.22
C ILE A 84 -0.15 22.09 -2.71
N LEU A 85 0.86 22.21 -1.88
CA LEU A 85 1.58 21.04 -1.41
C LEU A 85 0.82 20.39 -0.25
N LYS A 86 0.65 19.09 -0.32
CA LYS A 86 0.08 18.36 0.81
C LYS A 86 1.05 18.45 1.99
N PRO A 87 0.56 18.18 3.20
CA PRO A 87 1.45 18.25 4.37
C PRO A 87 2.63 17.31 4.21
N VAL A 88 3.83 17.87 4.27
CA VAL A 88 5.06 17.11 4.17
C VAL A 88 6.13 17.81 5.00
N LYS A 89 7.22 17.10 5.27
CA LYS A 89 8.32 17.68 6.03
C LYS A 89 8.99 18.79 5.24
N LYS A 90 9.44 19.82 5.97
CA LYS A 90 10.09 20.96 5.33
C LYS A 90 11.28 20.52 4.48
N LYS A 91 12.00 19.48 4.90
CA LYS A 91 13.17 19.03 4.17
C LYS A 91 12.82 18.65 2.74
N LYS A 92 11.66 18.02 2.54
CA LYS A 92 11.27 17.60 1.21
C LYS A 92 10.85 18.78 0.36
N ILE A 93 10.26 19.81 0.98
CA ILE A 93 9.92 21.02 0.24
C ILE A 93 11.19 21.75 -0.18
N LYS A 94 12.14 21.87 0.74
CA LYS A 94 13.41 22.53 0.41
C LYS A 94 14.10 21.81 -0.74
N ARG A 95 14.06 20.48 -0.75
CA ARG A 95 14.72 19.73 -1.81
C ARG A 95 14.10 20.05 -3.16
N GLU A 96 12.75 20.01 -3.24
CA GLU A 96 12.10 20.26 -4.51
C GLU A 96 12.33 21.69 -4.96
N VAL A 97 12.22 22.65 -4.05
CA VAL A 97 12.43 24.05 -4.42
C VAL A 97 13.86 24.28 -4.90
N LYS A 98 14.84 23.75 -4.17
CA LYS A 98 16.23 23.97 -4.57
C LYS A 98 16.51 23.34 -5.93
N ILE A 99 16.01 22.14 -6.15
CA ILE A 99 16.20 21.47 -7.43
C ILE A 99 15.58 22.30 -8.56
N LEU A 100 14.34 22.79 -8.34
CA LEU A 100 13.70 23.59 -9.36
C LEU A 100 14.47 24.87 -9.63
N GLU A 101 15.01 25.50 -8.59
CA GLU A 101 15.81 26.70 -8.82
C GLU A 101 17.09 26.37 -9.59
N ASN A 102 17.74 25.26 -9.25
CA ASN A 102 18.94 24.89 -9.95
C ASN A 102 18.70 24.59 -11.42
N LEU A 103 17.50 24.11 -11.76
CA LEU A 103 17.18 23.71 -13.13
C LEU A 103 16.49 24.80 -13.91
N ARG A 104 16.23 25.95 -13.31
CA ARG A 104 15.44 26.97 -13.99
C ARG A 104 16.15 27.42 -15.25
N GLY A 105 15.40 27.56 -16.33
CA GLY A 105 15.98 27.87 -17.62
C GLY A 105 16.52 26.67 -18.38
N GLY A 106 16.57 25.48 -17.77
CA GLY A 106 16.99 24.32 -18.49
C GLY A 106 16.00 23.92 -19.54
N THR A 107 16.50 23.29 -20.61
CA THR A 107 15.67 22.98 -21.75
C THR A 107 14.54 22.03 -21.35
N ASN A 108 13.31 22.48 -21.56
CA ASN A 108 12.13 21.66 -21.38
C ASN A 108 11.86 21.29 -19.92
N ILE A 109 12.40 22.02 -18.96
N ILE A 109 12.49 22.00 -18.97
CA ILE A 109 12.13 21.77 -17.56
CA ILE A 109 12.20 21.89 -17.55
C ILE A 109 11.20 22.87 -17.04
C ILE A 109 11.08 22.88 -17.21
N ILE A 110 10.09 22.46 -16.43
CA ILE A 110 9.09 23.42 -15.95
C ILE A 110 9.76 24.49 -15.12
N LYS A 111 9.31 25.73 -15.29
CA LYS A 111 9.87 26.86 -14.59
C LYS A 111 9.08 27.14 -13.31
N LEU A 112 9.80 27.16 -12.18
CA LEU A 112 9.26 27.60 -10.91
C LEU A 112 9.30 29.12 -10.90
N ILE A 113 8.15 29.74 -10.71
CA ILE A 113 8.01 31.19 -10.70
C ILE A 113 8.04 31.75 -9.29
N ASP A 114 7.42 31.06 -8.34
CA ASP A 114 7.25 31.63 -7.01
C ASP A 114 6.98 30.53 -6.00
N THR A 115 7.20 30.87 -4.73
CA THR A 115 6.91 30.02 -3.59
C THR A 115 6.06 30.87 -2.64
N VAL A 116 4.84 30.40 -2.35
CA VAL A 116 3.88 31.21 -1.60
C VAL A 116 3.16 30.38 -0.56
N LYS A 117 2.52 31.08 0.39
CA LYS A 117 1.68 30.45 1.39
C LYS A 117 0.36 31.20 1.48
N ASP A 118 -0.72 30.48 1.64
CA ASP A 118 -1.99 31.13 1.93
C ASP A 118 -1.83 31.85 3.26
N PRO A 119 -2.24 33.12 3.37
CA PRO A 119 -1.94 33.88 4.59
C PRO A 119 -2.74 33.44 5.81
N VAL A 120 -3.75 32.59 5.65
CA VAL A 120 -4.58 32.16 6.78
C VAL A 120 -4.12 30.79 7.25
N SER A 121 -4.08 29.81 6.34
CA SER A 121 -3.71 28.45 6.71
C SER A 121 -2.20 28.25 6.77
N LYS A 122 -1.44 29.11 6.11
CA LYS A 122 0.01 29.00 6.01
C LYS A 122 0.45 27.80 5.19
N THR A 123 -0.45 27.19 4.44
CA THR A 123 -0.09 26.04 3.62
C THR A 123 0.79 26.49 2.46
N PRO A 124 1.94 25.83 2.23
CA PRO A 124 2.81 26.24 1.13
C PRO A 124 2.34 25.73 -0.22
N ALA A 125 2.71 26.50 -1.23
CA ALA A 125 2.33 26.22 -2.61
C ALA A 125 3.45 26.69 -3.52
N LEU A 126 3.59 26.01 -4.65
CA LEU A 126 4.54 26.35 -5.69
C LEU A 126 3.81 26.93 -6.88
N VAL A 127 4.35 27.98 -7.44
CA VAL A 127 3.79 28.63 -8.62
C VAL A 127 4.69 28.32 -9.81
N PHE A 128 4.10 27.78 -10.87
CA PHE A 128 4.82 27.33 -12.04
C PHE A 128 4.30 28.05 -13.28
N GLU A 129 5.13 28.08 -14.31
CA GLU A 129 4.63 28.44 -15.62
C GLU A 129 3.52 27.47 -16.02
N TYR A 130 2.57 27.97 -16.79
CA TYR A 130 1.46 27.18 -17.30
C TYR A 130 1.81 26.62 -18.66
N ILE A 131 1.47 25.37 -18.88
CA ILE A 131 1.53 24.74 -20.21
C ILE A 131 0.17 24.15 -20.52
N ASN A 132 -0.27 24.36 -21.76
CA ASN A 132 -1.57 23.85 -22.21
C ASN A 132 -1.45 22.39 -22.61
N ASN A 133 -1.45 21.52 -21.61
CA ASN A 133 -1.28 20.11 -21.81
C ASN A 133 -2.54 19.46 -22.35
N THR A 134 -2.34 18.42 -23.14
CA THR A 134 -3.38 17.46 -23.48
C THR A 134 -3.05 16.14 -22.82
N ASP A 135 -4.00 15.60 -22.05
CA ASP A 135 -3.73 14.38 -21.30
C ASP A 135 -3.21 13.30 -22.23
N PHE A 136 -2.21 12.58 -21.75
CA PHE A 136 -1.51 11.65 -22.62
C PHE A 136 -2.43 10.55 -23.14
N LYS A 137 -3.45 10.15 -22.37
CA LYS A 137 -4.30 9.07 -22.83
C LYS A 137 -5.00 9.44 -24.13
N GLN A 138 -5.36 10.71 -24.29
CA GLN A 138 -5.93 11.17 -25.54
C GLN A 138 -4.85 11.42 -26.59
N LEU A 139 -3.76 12.06 -26.20
CA LEU A 139 -2.73 12.45 -27.16
C LEU A 139 -2.04 11.26 -27.77
N TYR A 140 -1.68 10.27 -26.95
CA TYR A 140 -0.82 9.20 -27.47
C TYR A 140 -1.55 8.41 -28.56
N GLN A 141 -2.88 8.48 -28.61
CA GLN A 141 -3.65 7.77 -29.61
C GLN A 141 -3.50 8.40 -31.00
N ILE A 142 -3.11 9.66 -31.11
CA ILE A 142 -3.03 10.36 -32.38
C ILE A 142 -1.61 10.67 -32.82
N LEU A 143 -0.62 10.28 -32.06
CA LEU A 143 0.77 10.53 -32.45
C LEU A 143 1.17 9.63 -33.62
N THR A 144 1.97 10.17 -34.51
CA THR A 144 2.62 9.42 -35.55
C THR A 144 4.02 9.01 -35.10
N ASP A 145 4.68 8.20 -35.92
CA ASP A 145 6.07 7.83 -35.67
C ASP A 145 6.94 9.08 -35.49
N PHE A 146 6.82 10.01 -36.42
CA PHE A 146 7.56 11.25 -36.35
C PHE A 146 7.30 11.98 -35.03
N ASP A 147 6.03 12.06 -34.61
CA ASP A 147 5.72 12.77 -33.37
C ASP A 147 6.37 12.09 -32.16
N ILE A 148 6.37 10.76 -32.13
CA ILE A 148 6.99 10.06 -31.01
C ILE A 148 8.49 10.37 -30.98
N ARG A 149 9.15 10.34 -32.12
CA ARG A 149 10.56 10.71 -32.19
C ARG A 149 10.74 12.12 -31.66
N PHE A 150 9.88 13.04 -32.09
CA PHE A 150 10.01 14.44 -31.73
C PHE A 150 9.90 14.64 -30.24
N TYR A 151 8.86 14.08 -29.63
CA TYR A 151 8.63 14.31 -28.21
C TYR A 151 9.60 13.54 -27.34
N MET A 152 10.00 12.33 -27.75
CA MET A 152 11.03 11.62 -27.01
C MET A 152 12.33 12.40 -27.02
N TYR A 153 12.66 13.01 -28.15
CA TYR A 153 13.88 13.82 -28.21
C TYR A 153 13.79 15.03 -27.29
N GLU A 154 12.64 15.69 -27.27
CA GLU A 154 12.45 16.82 -26.38
C GLU A 154 12.58 16.38 -24.92
N LEU A 155 12.02 15.24 -24.58
CA LEU A 155 12.12 14.72 -23.22
C LEU A 155 13.56 14.39 -22.87
N LEU A 156 14.29 13.79 -23.82
CA LEU A 156 15.70 13.51 -23.59
C LEU A 156 16.49 14.78 -23.35
N LYS A 157 16.17 15.88 -24.02
CA LYS A 157 16.87 17.13 -23.74
C LYS A 157 16.70 17.53 -22.28
N ALA A 158 15.50 17.36 -21.73
CA ALA A 158 15.28 17.68 -20.33
C ALA A 158 16.07 16.77 -19.42
N LEU A 159 16.09 15.47 -19.71
CA LEU A 159 16.80 14.54 -18.84
C LEU A 159 18.30 14.74 -18.95
N ASP A 160 18.85 14.93 -20.16
CA ASP A 160 20.27 15.20 -20.22
C ASP A 160 20.60 16.45 -19.43
N TYR A 161 19.76 17.48 -19.51
CA TYR A 161 20.01 18.70 -18.78
C TYR A 161 20.01 18.44 -17.28
N CYS A 162 18.96 17.81 -16.75
CA CYS A 162 18.93 17.59 -15.31
C CYS A 162 20.06 16.68 -14.84
N HIS A 163 20.36 15.62 -15.58
CA HIS A 163 21.48 14.75 -15.23
C HIS A 163 22.77 15.55 -15.21
N SER A 164 22.97 16.41 -16.23
CA SER A 164 24.17 17.23 -16.29
C SER A 164 24.28 18.19 -15.11
N LYS A 165 23.15 18.55 -14.54
CA LYS A 165 23.02 19.37 -13.35
C LYS A 165 23.02 18.53 -12.06
N GLY A 166 23.40 17.26 -12.15
CA GLY A 166 23.56 16.46 -10.97
C GLY A 166 22.29 15.97 -10.32
N ILE A 167 21.19 15.91 -11.06
CA ILE A 167 19.88 15.60 -10.50
C ILE A 167 19.25 14.44 -11.24
N MET A 168 18.70 13.51 -10.47
CA MET A 168 17.86 12.43 -10.99
C MET A 168 16.40 12.81 -10.74
N HIS A 169 15.53 12.64 -11.76
CA HIS A 169 14.12 12.99 -11.61
C HIS A 169 13.40 11.98 -10.74
N ARG A 170 13.57 10.70 -11.05
CA ARG A 170 13.05 9.59 -10.28
C ARG A 170 11.54 9.39 -10.36
N ASP A 171 10.84 10.10 -11.24
CA ASP A 171 9.41 9.88 -11.41
C ASP A 171 9.00 10.17 -12.84
N VAL A 172 9.79 9.72 -13.80
CA VAL A 172 9.48 9.91 -15.20
C VAL A 172 8.36 8.96 -15.58
N LYS A 173 7.31 9.51 -16.15
CA LYS A 173 6.13 8.78 -16.61
C LYS A 173 5.28 9.75 -17.40
N PRO A 174 4.34 9.24 -18.20
CA PRO A 174 3.58 10.14 -19.07
C PRO A 174 2.86 11.23 -18.31
N HIS A 175 2.38 10.91 -17.11
CA HIS A 175 1.64 11.87 -16.31
C HIS A 175 2.47 13.09 -15.92
N ASN A 176 3.79 12.95 -15.91
CA ASN A 176 4.70 14.03 -15.53
C ASN A 176 5.36 14.68 -16.72
N VAL A 177 4.85 14.44 -17.92
CA VAL A 177 5.37 15.05 -19.15
C VAL A 177 4.23 15.83 -19.76
N MET A 178 4.30 17.13 -19.69
CA MET A 178 3.26 17.99 -20.26
C MET A 178 3.61 18.26 -21.71
N ILE A 179 2.62 18.14 -22.59
CA ILE A 179 2.81 18.34 -24.00
C ILE A 179 1.68 19.22 -24.52
N ASP A 180 2.03 20.32 -25.14
CA ASP A 180 1.08 21.14 -25.90
C ASP A 180 1.30 20.75 -27.35
N HIS A 181 0.44 19.88 -27.87
CA HIS A 181 0.70 19.28 -29.17
C HIS A 181 0.57 20.30 -30.30
N GLN A 182 -0.31 21.28 -30.14
CA GLN A 182 -0.50 22.27 -31.19
C GLN A 182 0.69 23.20 -31.31
N GLN A 183 1.42 23.43 -30.23
N GLN A 183 1.41 23.43 -30.22
CA GLN A 183 2.62 24.26 -30.26
CA GLN A 183 2.60 24.26 -30.21
C GLN A 183 3.89 23.44 -30.16
C GLN A 183 3.88 23.45 -30.30
N LYS A 184 3.79 22.12 -30.21
CA LYS A 184 4.96 21.24 -30.22
C LYS A 184 5.91 21.59 -29.08
N LYS A 185 5.36 21.69 -27.88
CA LYS A 185 6.07 22.15 -26.68
C LYS A 185 5.94 21.08 -25.60
N LEU A 186 7.03 20.81 -24.91
CA LEU A 186 7.07 19.79 -23.87
C LEU A 186 7.74 20.31 -22.61
N ARG A 187 7.20 19.95 -21.44
CA ARG A 187 7.84 20.28 -20.18
C ARG A 187 7.80 19.07 -19.25
N LEU A 188 8.91 18.79 -18.62
CA LEU A 188 9.01 17.76 -17.58
C LEU A 188 8.68 18.42 -16.24
N ILE A 189 7.66 17.89 -15.57
CA ILE A 189 7.10 18.44 -14.33
C ILE A 189 7.29 17.45 -13.18
N ASP A 190 6.81 17.85 -12.02
CA ASP A 190 6.71 17.04 -10.81
C ASP A 190 8.08 16.55 -10.35
N TRP A 191 8.83 17.50 -9.77
CA TRP A 191 10.17 17.30 -9.26
C TRP A 191 10.16 16.92 -7.77
N GLY A 192 9.03 16.49 -7.24
CA GLY A 192 8.92 16.17 -5.84
C GLY A 192 9.68 14.94 -5.38
N LEU A 193 10.04 14.05 -6.29
CA LEU A 193 10.87 12.89 -5.98
C LEU A 193 12.31 13.06 -6.41
N ALA A 194 12.66 14.17 -7.03
CA ALA A 194 14.01 14.31 -7.58
C ALA A 194 15.03 14.40 -6.47
N GLU A 195 16.24 13.97 -6.77
N GLU A 195 16.26 14.03 -6.79
CA GLU A 195 17.33 14.01 -5.80
CA GLU A 195 17.31 13.96 -5.78
C GLU A 195 18.61 14.41 -6.50
C GLU A 195 18.66 14.19 -6.45
N PHE A 196 19.58 14.79 -5.68
CA PHE A 196 20.94 15.01 -6.15
C PHE A 196 21.71 13.70 -6.18
N TYR A 197 22.47 13.47 -7.26
CA TYR A 197 23.31 12.31 -7.39
C TYR A 197 24.69 12.56 -6.79
N HIS A 198 25.11 11.68 -5.88
CA HIS A 198 26.43 11.70 -5.27
C HIS A 198 26.98 10.28 -5.36
N PRO A 199 28.17 10.08 -5.90
CA PRO A 199 28.68 8.73 -6.07
C PRO A 199 28.72 7.98 -4.76
N ALA A 200 28.35 6.71 -4.81
CA ALA A 200 28.33 5.76 -3.71
C ALA A 200 27.17 5.98 -2.75
N GLN A 201 26.34 6.99 -2.95
CA GLN A 201 25.23 7.21 -2.04
C GLN A 201 24.17 6.15 -2.25
N GLU A 202 23.63 5.66 -1.14
CA GLU A 202 22.54 4.70 -1.17
C GLU A 202 21.22 5.44 -1.04
N TYR A 203 20.36 5.29 -2.01
CA TYR A 203 19.09 6.00 -2.14
C TYR A 203 17.92 5.10 -1.76
N ASN A 204 16.81 5.75 -1.41
CA ASN A 204 15.57 5.06 -1.13
C ASN A 204 15.05 4.44 -2.42
N VAL A 205 14.69 3.16 -2.36
CA VAL A 205 14.14 2.51 -3.55
C VAL A 205 12.66 2.76 -3.72
N ARG A 206 12.01 3.41 -2.74
CA ARG A 206 10.58 3.74 -2.82
C ARG A 206 10.38 5.06 -3.58
N VAL A 207 10.72 5.01 -4.87
CA VAL A 207 10.58 6.13 -5.78
C VAL A 207 9.97 5.59 -7.07
N ALA A 208 9.64 6.53 -7.96
CA ALA A 208 8.98 6.24 -9.21
C ALA A 208 7.60 5.60 -8.97
N SER A 209 6.81 5.48 -10.00
CA SER A 209 5.53 4.79 -9.95
C SER A 209 5.71 3.36 -10.46
N ARG A 210 4.92 2.43 -9.91
CA ARG A 210 5.10 1.01 -10.15
C ARG A 210 5.53 0.65 -11.56
N TYR A 211 4.76 1.06 -12.57
CA TYR A 211 4.98 0.56 -13.91
C TYR A 211 6.27 1.06 -14.52
N PHE A 212 6.87 2.09 -13.92
CA PHE A 212 8.06 2.77 -14.41
C PHE A 212 9.26 2.53 -13.53
N LYS A 213 9.13 1.70 -12.51
CA LYS A 213 10.27 1.38 -11.64
C LYS A 213 11.26 0.51 -12.36
N GLY A 214 12.54 0.90 -12.30
CA GLY A 214 13.58 0.10 -12.84
C GLY A 214 13.81 -1.16 -12.01
N PRO A 215 14.39 -2.18 -12.63
CA PRO A 215 14.68 -3.40 -11.86
C PRO A 215 15.50 -3.17 -10.61
N GLU A 216 16.43 -2.19 -10.62
CA GLU A 216 17.21 -1.90 -9.43
C GLU A 216 16.32 -1.60 -8.25
N LEU A 217 15.20 -0.89 -8.46
CA LEU A 217 14.32 -0.57 -7.36
C LEU A 217 13.61 -1.81 -6.89
N LEU A 218 13.21 -2.67 -7.82
CA LEU A 218 12.40 -3.85 -7.50
C LEU A 218 13.19 -4.92 -6.79
N VAL A 219 14.51 -4.92 -6.90
CA VAL A 219 15.37 -5.84 -6.18
C VAL A 219 16.11 -5.17 -5.03
N ASP A 220 15.73 -3.95 -4.68
CA ASP A 220 16.25 -3.25 -3.51
C ASP A 220 17.73 -2.89 -3.64
N TYR A 221 18.18 -2.53 -4.83
CA TYR A 221 19.55 -2.08 -5.04
C TYR A 221 19.56 -0.57 -4.91
N GLN A 222 20.23 -0.07 -3.89
CA GLN A 222 20.12 1.33 -3.52
C GLN A 222 21.14 2.24 -4.19
N MET A 223 22.21 1.68 -4.75
CA MET A 223 23.28 2.52 -5.30
C MET A 223 23.05 2.84 -6.77
N TYR A 224 21.87 3.42 -7.06
CA TYR A 224 21.44 3.72 -8.40
C TYR A 224 21.80 5.14 -8.79
N ASP A 225 21.50 5.50 -10.03
CA ASP A 225 21.94 6.80 -10.55
C ASP A 225 20.97 7.30 -11.60
N TYR A 226 21.42 8.28 -12.40
CA TYR A 226 20.59 8.87 -13.45
C TYR A 226 19.97 7.83 -14.38
N SER A 227 20.63 6.70 -14.55
CA SER A 227 20.15 5.64 -15.44
C SER A 227 18.80 5.08 -15.04
N LEU A 228 18.37 5.29 -13.80
CA LEU A 228 16.99 4.96 -13.40
C LEU A 228 15.99 5.67 -14.31
N ASP A 229 16.24 6.95 -14.60
CA ASP A 229 15.34 7.72 -15.45
C ASP A 229 15.29 7.17 -16.86
N MET A 230 16.40 6.56 -17.34
CA MET A 230 16.47 6.02 -18.68
C MET A 230 15.68 4.73 -18.80
N TRP A 231 15.55 3.96 -17.72
CA TRP A 231 14.61 2.85 -17.70
C TRP A 231 13.19 3.38 -17.87
N SER A 232 12.83 4.38 -17.06
CA SER A 232 11.47 4.91 -17.14
C SER A 232 11.18 5.45 -18.52
N LEU A 233 12.14 6.14 -19.11
CA LEU A 233 11.98 6.65 -20.48
C LEU A 233 11.75 5.50 -21.45
N GLY A 234 12.51 4.43 -21.32
CA GLY A 234 12.28 3.25 -22.14
C GLY A 234 10.89 2.68 -22.00
N CYS A 235 10.36 2.65 -20.78
CA CYS A 235 9.00 2.20 -20.59
C CYS A 235 8.02 3.07 -21.33
N MET A 236 8.25 4.38 -21.30
CA MET A 236 7.40 5.30 -22.07
C MET A 236 7.49 5.06 -23.57
N LEU A 237 8.70 4.90 -24.08
CA LEU A 237 8.89 4.64 -25.49
C LEU A 237 8.17 3.37 -25.91
N ALA A 238 8.31 2.31 -25.11
CA ALA A 238 7.65 1.05 -25.43
C ALA A 238 6.15 1.26 -25.53
N SER A 239 5.56 1.97 -24.56
CA SER A 239 4.12 2.17 -24.61
C SER A 239 3.67 3.01 -25.80
N MET A 240 4.48 3.98 -26.18
CA MET A 240 4.13 4.85 -27.28
C MET A 240 4.19 4.13 -28.61
N ILE A 241 5.23 3.34 -28.84
CA ILE A 241 5.35 2.67 -30.14
C ILE A 241 4.51 1.42 -30.20
N PHE A 242 4.30 0.72 -29.08
CA PHE A 242 3.55 -0.54 -29.13
C PHE A 242 2.09 -0.38 -28.79
N ARG A 243 1.73 0.72 -28.13
CA ARG A 243 0.38 1.05 -27.72
C ARG A 243 -0.15 0.14 -26.62
N ARG A 244 0.73 -0.56 -25.93
CA ARG A 244 0.39 -1.25 -24.70
C ARG A 244 0.79 -0.32 -23.56
N GLU A 245 -0.18 0.25 -22.86
CA GLU A 245 0.05 1.32 -21.90
C GLU A 245 -0.67 0.99 -20.60
N PRO A 246 0.05 0.87 -19.50
CA PRO A 246 1.51 0.81 -19.40
C PRO A 246 2.06 -0.44 -20.04
N PHE A 247 3.36 -0.41 -20.36
CA PHE A 247 3.95 -1.54 -21.08
C PHE A 247 4.15 -2.73 -20.16
N PHE A 248 4.69 -2.49 -18.97
CA PHE A 248 4.93 -3.54 -17.97
C PHE A 248 3.93 -3.34 -16.84
N HIS A 249 2.85 -4.11 -16.85
CA HIS A 249 1.70 -3.83 -16.02
C HIS A 249 1.63 -4.79 -14.83
N GLY A 250 2.54 -4.59 -13.89
CA GLY A 250 2.56 -5.42 -12.71
C GLY A 250 1.35 -5.19 -11.83
N GLN A 251 0.88 -6.27 -11.20
CA GLN A 251 -0.24 -6.18 -10.28
C GLN A 251 0.17 -5.68 -8.91
N ASP A 252 1.47 -5.70 -8.61
CA ASP A 252 2.06 -5.23 -7.36
C ASP A 252 3.56 -5.13 -7.66
N ASN A 253 4.34 -4.71 -6.67
CA ASN A 253 5.76 -4.49 -6.92
C ASN A 253 6.52 -5.79 -7.20
N TYR A 254 5.99 -6.93 -6.74
CA TYR A 254 6.66 -8.21 -6.98
C TYR A 254 6.35 -8.70 -8.38
N ASP A 255 5.08 -8.67 -8.75
CA ASP A 255 4.69 -9.05 -10.09
C ASP A 255 5.31 -8.10 -11.12
N GLN A 256 5.58 -6.83 -10.75
CA GLN A 256 6.22 -5.92 -11.68
C GLN A 256 7.54 -6.52 -12.19
N LEU A 257 8.34 -7.11 -11.28
CA LEU A 257 9.59 -7.71 -11.72
C LEU A 257 9.34 -8.92 -12.63
N VAL A 258 8.29 -9.70 -12.34
CA VAL A 258 7.94 -10.82 -13.20
C VAL A 258 7.57 -10.35 -14.60
N ARG A 259 6.79 -9.25 -14.69
CA ARG A 259 6.43 -8.75 -16.02
C ARG A 259 7.67 -8.36 -16.81
N ILE A 260 8.64 -7.76 -16.16
CA ILE A 260 9.90 -7.41 -16.82
C ILE A 260 10.62 -8.68 -17.25
N ALA A 261 10.71 -9.65 -16.34
CA ALA A 261 11.47 -10.88 -16.63
C ALA A 261 10.85 -11.69 -17.76
N LYS A 262 9.53 -11.61 -17.93
CA LYS A 262 8.89 -12.30 -19.05
C LYS A 262 9.26 -11.71 -20.39
N VAL A 263 9.83 -10.51 -20.42
CA VAL A 263 10.30 -9.90 -21.65
C VAL A 263 11.81 -9.99 -21.77
N LEU A 264 12.53 -9.54 -20.74
N LEU A 264 12.53 -9.57 -20.72
CA LEU A 264 13.98 -9.51 -20.80
CA LEU A 264 13.98 -9.49 -20.75
C LEU A 264 14.61 -10.86 -20.58
C LEU A 264 14.67 -10.80 -20.39
N GLY A 265 13.92 -11.76 -19.90
CA GLY A 265 14.43 -13.11 -19.62
C GLY A 265 14.92 -13.25 -18.19
N THR A 266 14.81 -14.47 -17.66
CA THR A 266 15.22 -14.73 -16.29
C THR A 266 16.71 -14.97 -16.17
N GLU A 267 17.32 -15.65 -17.14
CA GLU A 267 18.75 -15.86 -17.05
C GLU A 267 19.48 -14.52 -17.03
N GLU A 268 18.99 -13.56 -17.82
CA GLU A 268 19.62 -12.25 -17.86
C GLU A 268 19.43 -11.51 -16.54
N LEU A 269 18.30 -11.71 -15.88
CA LEU A 269 18.10 -11.13 -14.55
C LEU A 269 19.12 -11.68 -13.57
N TYR A 270 19.27 -13.00 -13.52
N TYR A 270 19.31 -13.00 -13.56
CA TYR A 270 20.23 -13.60 -12.61
CA TYR A 270 20.23 -13.57 -12.58
C TYR A 270 21.63 -13.05 -12.86
C TYR A 270 21.68 -13.21 -12.87
N GLY A 271 22.01 -12.91 -14.14
CA GLY A 271 23.33 -12.39 -14.44
C GLY A 271 23.55 -10.99 -13.89
N TYR A 272 22.51 -10.14 -13.98
CA TYR A 272 22.58 -8.81 -13.41
C TYR A 272 22.74 -8.87 -11.90
N LEU A 273 21.95 -9.71 -11.25
CA LEU A 273 22.03 -9.82 -9.79
C LEU A 273 23.42 -10.28 -9.38
N LYS A 274 23.97 -11.25 -10.11
CA LYS A 274 25.31 -11.75 -9.79
C LYS A 274 26.36 -10.65 -9.93
N LYS A 275 26.28 -9.86 -10.99
CA LYS A 275 27.28 -8.83 -11.25
C LYS A 275 27.37 -7.84 -10.09
N TYR A 276 26.23 -7.45 -9.52
CA TYR A 276 26.19 -6.44 -8.48
C TYR A 276 26.04 -7.05 -7.10
N HIS A 277 26.17 -8.37 -6.99
CA HIS A 277 26.09 -9.07 -5.71
C HIS A 277 24.77 -8.78 -4.99
N ILE A 278 23.69 -8.78 -5.75
CA ILE A 278 22.35 -8.56 -5.21
C ILE A 278 21.75 -9.90 -4.86
N ASP A 279 21.23 -10.01 -3.65
CA ASP A 279 20.55 -11.20 -3.18
C ASP A 279 19.06 -10.99 -3.40
N LEU A 280 18.49 -11.76 -4.31
CA LEU A 280 17.06 -11.69 -4.54
C LEU A 280 16.33 -12.36 -3.39
N ASP A 281 15.31 -11.69 -2.87
CA ASP A 281 14.53 -12.30 -1.80
C ASP A 281 14.03 -13.66 -2.24
N PRO A 282 14.11 -14.68 -1.38
CA PRO A 282 13.75 -16.04 -1.83
C PRO A 282 12.33 -16.22 -2.34
N HIS A 283 11.38 -15.38 -1.93
CA HIS A 283 10.02 -15.57 -2.43
C HIS A 283 9.94 -15.38 -3.94
N PHE A 284 10.89 -14.66 -4.52
CA PHE A 284 10.84 -14.35 -5.96
C PHE A 284 11.02 -15.58 -6.82
N ASN A 285 11.76 -16.58 -6.37
CA ASN A 285 12.12 -17.66 -7.28
C ASN A 285 10.90 -18.36 -7.84
N ASP A 286 9.88 -18.58 -7.01
CA ASP A 286 8.70 -19.28 -7.49
C ASP A 286 7.91 -18.46 -8.50
N ILE A 287 7.78 -17.15 -8.26
CA ILE A 287 6.97 -16.34 -9.17
C ILE A 287 7.71 -15.97 -10.45
N LEU A 288 9.06 -15.92 -10.41
CA LEU A 288 9.82 -15.55 -11.62
C LEU A 288 9.77 -16.64 -12.67
N GLY A 289 9.77 -17.90 -12.23
CA GLY A 289 9.76 -18.99 -13.18
C GLY A 289 11.01 -18.97 -14.06
N GLN A 290 10.84 -19.42 -15.30
CA GLN A 290 11.92 -19.44 -16.27
C GLN A 290 11.37 -18.88 -17.58
N HIS A 291 12.01 -17.83 -18.07
CA HIS A 291 11.54 -17.17 -19.29
C HIS A 291 12.71 -16.81 -20.17
N SER A 292 12.61 -17.14 -21.46
CA SER A 292 13.60 -16.70 -22.41
C SER A 292 13.40 -15.22 -22.73
N ARG A 293 14.50 -14.57 -23.11
CA ARG A 293 14.43 -13.20 -23.60
C ARG A 293 13.61 -13.17 -24.89
N LYS A 294 12.69 -12.22 -24.96
CA LYS A 294 11.83 -12.07 -26.11
C LYS A 294 12.42 -11.09 -27.10
N ARG A 295 12.21 -11.35 -28.38
CA ARG A 295 12.55 -10.38 -29.40
C ARG A 295 11.53 -9.24 -29.37
N TRP A 296 12.00 -8.01 -29.48
CA TRP A 296 11.08 -6.89 -29.40
C TRP A 296 10.07 -6.91 -30.55
N GLU A 297 10.43 -7.49 -31.68
CA GLU A 297 9.51 -7.60 -32.79
C GLU A 297 8.24 -8.38 -32.43
N ASN A 298 8.30 -9.20 -31.39
CA ASN A 298 7.14 -9.96 -30.96
C ASN A 298 5.99 -9.07 -30.54
N PHE A 299 6.24 -7.81 -30.24
CA PHE A 299 5.18 -6.93 -29.77
C PHE A 299 4.47 -6.19 -30.90
N ILE A 300 4.93 -6.36 -32.12
CA ILE A 300 4.35 -5.69 -33.29
C ILE A 300 3.07 -6.41 -33.70
N HIS A 301 2.02 -5.65 -34.00
CA HIS A 301 0.83 -6.21 -34.65
C HIS A 301 0.16 -5.09 -35.43
N SER A 302 -1.03 -5.37 -35.97
CA SER A 302 -1.59 -4.44 -36.94
C SER A 302 -1.90 -3.08 -36.34
N GLU A 303 -2.12 -2.99 -35.03
CA GLU A 303 -2.47 -1.73 -34.40
C GLU A 303 -1.28 -0.82 -34.14
N ASN A 304 -0.06 -1.33 -34.24
CA ASN A 304 1.11 -0.51 -33.94
C ASN A 304 2.18 -0.54 -35.01
N ARG A 305 2.00 -1.26 -36.12
CA ARG A 305 3.11 -1.46 -37.03
C ARG A 305 3.60 -0.16 -37.62
N HIS A 306 2.70 0.82 -37.80
CA HIS A 306 3.05 2.12 -38.38
C HIS A 306 3.79 3.04 -37.40
N LEU A 307 4.02 2.60 -36.16
CA LEU A 307 4.78 3.34 -35.18
C LEU A 307 6.14 2.69 -34.90
N VAL A 308 6.32 1.45 -35.31
CA VAL A 308 7.51 0.67 -34.99
C VAL A 308 8.40 0.62 -36.21
N SER A 309 9.71 0.67 -35.97
CA SER A 309 10.73 0.56 -36.99
C SER A 309 11.91 -0.18 -36.40
N PRO A 310 12.82 -0.68 -37.24
CA PRO A 310 14.02 -1.29 -36.67
C PRO A 310 14.80 -0.35 -35.79
N GLU A 311 14.88 0.92 -36.15
CA GLU A 311 15.61 1.89 -35.32
C GLU A 311 14.96 2.07 -33.96
N ALA A 312 13.64 2.14 -33.92
CA ALA A 312 12.95 2.25 -32.65
C ALA A 312 13.26 1.06 -31.76
N LEU A 313 13.25 -0.14 -32.32
CA LEU A 313 13.49 -1.34 -31.52
C LEU A 313 14.92 -1.42 -31.05
N ASP A 314 15.87 -0.96 -31.87
CA ASP A 314 17.25 -0.96 -31.45
C ASP A 314 17.46 -0.01 -30.27
N LEU A 315 16.88 1.19 -30.35
CA LEU A 315 16.95 2.12 -29.23
C LEU A 315 16.30 1.51 -28.00
N LEU A 316 15.10 0.98 -28.15
CA LEU A 316 14.40 0.42 -27.01
C LEU A 316 15.21 -0.67 -26.32
N ASP A 317 15.83 -1.54 -27.12
CA ASP A 317 16.64 -2.60 -26.56
C ASP A 317 17.81 -2.08 -25.75
N LYS A 318 18.34 -0.92 -26.11
CA LYS A 318 19.47 -0.31 -25.42
C LYS A 318 19.08 0.51 -24.20
N LEU A 319 17.78 0.76 -24.00
CA LEU A 319 17.26 1.43 -22.82
C LEU A 319 16.77 0.44 -21.79
N LEU A 320 15.98 -0.53 -22.22
CA LEU A 320 15.36 -1.47 -21.30
C LEU A 320 16.30 -2.66 -21.08
N ARG A 321 17.34 -2.41 -20.29
N ARG A 321 17.36 -2.38 -20.32
CA ARG A 321 18.32 -3.42 -19.91
CA ARG A 321 18.33 -3.36 -19.88
C ARG A 321 18.41 -3.48 -18.40
C ARG A 321 18.22 -3.49 -18.36
N TYR A 322 18.45 -4.70 -17.86
CA TYR A 322 18.55 -4.86 -16.41
C TYR A 322 19.70 -4.02 -15.87
N ASP A 323 20.88 -4.16 -16.48
CA ASP A 323 22.10 -3.52 -15.98
C ASP A 323 22.02 -2.03 -16.22
N HIS A 324 21.78 -1.29 -15.13
CA HIS A 324 21.63 0.14 -15.23
C HIS A 324 22.85 0.80 -15.85
N GLN A 325 24.03 0.23 -15.63
N GLN A 325 24.04 0.27 -15.61
CA GLN A 325 25.27 0.81 -16.11
CA GLN A 325 25.24 0.86 -16.16
C GLN A 325 25.47 0.60 -17.61
C GLN A 325 25.29 0.75 -17.67
N GLN A 326 24.70 -0.29 -18.22
CA GLN A 326 24.79 -0.54 -19.66
C GLN A 326 23.73 0.19 -20.45
N ARG A 327 22.70 0.71 -19.79
CA ARG A 327 21.70 1.50 -20.49
C ARG A 327 22.33 2.72 -21.13
N LEU A 328 21.79 3.15 -22.26
CA LEU A 328 22.25 4.40 -22.84
C LEU A 328 22.05 5.54 -21.86
N THR A 329 22.99 6.47 -21.83
CA THR A 329 22.78 7.76 -21.20
C THR A 329 21.81 8.59 -22.04
N ALA A 330 21.29 9.67 -21.48
CA ALA A 330 20.40 10.53 -22.24
C ALA A 330 21.09 11.06 -23.49
N LYS A 331 22.35 11.46 -23.37
CA LYS A 331 23.07 11.98 -24.52
C LYS A 331 23.31 10.90 -25.56
N GLU A 332 23.69 9.70 -25.14
CA GLU A 332 23.87 8.61 -26.09
C GLU A 332 22.57 8.31 -26.81
N ALA A 333 21.45 8.32 -26.08
CA ALA A 333 20.16 8.09 -26.72
C ALA A 333 19.85 9.17 -27.75
N MET A 334 20.16 10.43 -27.44
CA MET A 334 19.91 11.51 -28.38
C MET A 334 20.69 11.34 -29.66
N GLU A 335 21.81 10.61 -29.64
CA GLU A 335 22.65 10.39 -30.81
C GLU A 335 22.21 9.17 -31.61
N HIS A 336 21.16 8.48 -31.20
CA HIS A 336 20.76 7.26 -31.86
C HIS A 336 20.10 7.57 -33.21
N PRO A 337 20.24 6.67 -34.19
CA PRO A 337 19.59 6.89 -35.50
C PRO A 337 18.08 7.10 -35.45
N TYR A 338 17.38 6.57 -34.44
CA TYR A 338 15.95 6.84 -34.35
C TYR A 338 15.63 8.32 -34.39
N PHE A 339 16.53 9.15 -33.87
CA PHE A 339 16.25 10.58 -33.79
C PHE A 339 16.80 11.38 -34.95
N TYR A 340 17.44 10.74 -35.94
CA TYR A 340 17.96 11.50 -37.07
C TYR A 340 16.92 12.42 -37.70
N PRO A 341 15.64 12.04 -37.84
CA PRO A 341 14.66 12.96 -38.43
C PRO A 341 14.37 14.20 -37.63
N VAL A 342 14.69 14.24 -36.34
CA VAL A 342 14.33 15.36 -35.47
C VAL A 342 15.53 16.12 -34.93
N VAL A 343 16.75 15.70 -35.25
CA VAL A 343 17.94 16.38 -34.73
C VAL A 343 18.05 17.79 -35.30
N LYS A 344 17.80 17.97 -36.58
CA LYS A 344 17.91 19.29 -37.20
C LYS A 344 16.64 20.10 -36.95
N GLY B 21 -24.61 1.36 -1.56
CA GLY B 21 -24.49 -0.09 -1.52
C GLY B 21 -23.06 -0.57 -1.37
N SER B 22 -22.90 -1.84 -1.00
CA SER B 22 -21.60 -2.45 -0.82
C SER B 22 -21.81 -3.94 -0.57
N ARG B 23 -20.89 -4.76 -1.10
CA ARG B 23 -20.94 -6.20 -0.96
C ARG B 23 -19.55 -6.74 -0.73
N ALA B 24 -19.45 -7.84 0.00
CA ALA B 24 -18.20 -8.57 0.10
C ALA B 24 -17.71 -9.00 -1.28
N ARG B 25 -16.40 -8.92 -1.50
CA ARG B 25 -15.80 -9.37 -2.76
C ARG B 25 -15.67 -10.88 -2.83
N VAL B 26 -15.78 -11.57 -1.71
CA VAL B 26 -15.68 -13.02 -1.64
C VAL B 26 -16.77 -13.54 -0.71
N TYR B 27 -17.17 -14.79 -0.94
CA TYR B 27 -18.08 -15.52 -0.06
C TYR B 27 -19.39 -14.76 0.15
N ALA B 28 -19.80 -13.96 -0.83
CA ALA B 28 -20.93 -13.06 -0.62
C ALA B 28 -22.24 -13.81 -0.46
N GLU B 29 -22.47 -14.83 -1.26
CA GLU B 29 -23.77 -15.49 -1.30
C GLU B 29 -23.79 -16.83 -0.58
N VAL B 30 -22.74 -17.16 0.18
CA VAL B 30 -22.56 -18.54 0.62
C VAL B 30 -23.70 -18.98 1.56
N ASN B 31 -24.19 -18.07 2.41
CA ASN B 31 -25.22 -18.49 3.35
C ASN B 31 -26.55 -18.79 2.64
N SER B 32 -26.86 -18.05 1.57
CA SER B 32 -28.07 -18.31 0.81
C SER B 32 -28.03 -19.69 0.17
N LEU B 33 -26.83 -20.21 -0.09
CA LEU B 33 -26.69 -21.53 -0.69
C LEU B 33 -26.79 -22.67 0.31
N ARG B 34 -26.80 -22.37 1.59
CA ARG B 34 -26.89 -23.37 2.64
C ARG B 34 -28.34 -23.51 3.10
N SER B 35 -28.62 -24.61 3.79
CA SER B 35 -29.90 -24.77 4.44
C SER B 35 -30.19 -23.58 5.36
N ARG B 36 -31.47 -23.21 5.44
CA ARG B 36 -31.85 -22.11 6.35
C ARG B 36 -31.41 -22.41 7.78
N GLU B 37 -31.49 -23.67 8.21
CA GLU B 37 -31.07 -24.05 9.56
C GLU B 37 -29.64 -23.61 9.86
N TYR B 38 -28.78 -23.52 8.84
CA TYR B 38 -27.39 -23.15 9.07
C TYR B 38 -27.27 -21.74 9.66
N TRP B 39 -28.02 -20.78 9.12
CA TRP B 39 -27.89 -19.39 9.52
C TRP B 39 -29.02 -18.85 10.36
N ASP B 40 -30.16 -19.55 10.43
CA ASP B 40 -31.31 -19.09 11.21
C ASP B 40 -31.11 -19.51 12.66
N TYR B 41 -30.17 -18.82 13.33
CA TYR B 41 -29.77 -19.22 14.68
C TYR B 41 -30.91 -19.05 15.68
N GLU B 42 -31.87 -18.17 15.42
CA GLU B 42 -33.01 -18.02 16.31
C GLU B 42 -33.79 -19.32 16.43
N ALA B 43 -33.73 -20.16 15.41
CA ALA B 43 -34.44 -21.44 15.42
C ALA B 43 -33.61 -22.58 16.00
N HIS B 44 -32.35 -22.33 16.37
CA HIS B 44 -31.51 -23.37 16.91
C HIS B 44 -31.89 -23.67 18.35
N VAL B 45 -31.91 -24.95 18.70
CA VAL B 45 -32.27 -25.40 20.03
C VAL B 45 -31.11 -26.21 20.59
N PRO B 46 -30.24 -25.60 21.39
CA PRO B 46 -29.14 -26.35 21.99
C PRO B 46 -29.66 -27.44 22.91
N SER B 47 -28.87 -28.51 23.05
CA SER B 47 -29.10 -29.55 24.04
C SER B 47 -28.10 -29.33 25.17
N TRP B 48 -28.63 -29.04 26.36
CA TRP B 48 -27.80 -28.63 27.49
C TRP B 48 -27.48 -29.84 28.35
N GLY B 49 -26.21 -30.22 28.37
CA GLY B 49 -25.74 -31.31 29.21
C GLY B 49 -25.51 -30.86 30.64
N ASN B 50 -24.93 -31.77 31.42
CA ASN B 50 -24.73 -31.56 32.85
C ASN B 50 -23.31 -31.05 33.08
N GLN B 51 -23.19 -29.85 33.64
CA GLN B 51 -21.88 -29.29 33.92
C GLN B 51 -21.14 -30.03 35.02
N ASP B 52 -21.85 -30.89 35.78
CA ASP B 52 -21.20 -31.63 36.86
C ASP B 52 -20.10 -32.56 36.37
N ASP B 53 -20.05 -32.84 35.06
CA ASP B 53 -18.95 -33.60 34.50
C ASP B 53 -17.65 -32.81 34.46
N TYR B 54 -17.66 -31.55 34.86
CA TYR B 54 -16.51 -30.66 34.69
C TYR B 54 -16.00 -30.19 36.04
N GLN B 55 -14.76 -30.58 36.33
CA GLN B 55 -14.04 -30.16 37.53
C GLN B 55 -13.39 -28.83 37.26
N LEU B 56 -13.64 -27.85 38.13
CA LEU B 56 -13.21 -26.48 37.90
C LEU B 56 -11.91 -26.23 38.66
N VAL B 57 -10.83 -26.03 37.91
CA VAL B 57 -9.49 -25.99 38.46
C VAL B 57 -9.02 -24.58 38.77
N ARG B 58 -9.39 -23.61 37.93
CA ARG B 58 -8.84 -22.27 38.01
C ARG B 58 -9.70 -21.32 37.20
N LYS B 59 -9.87 -20.09 37.69
CA LYS B 59 -10.56 -19.05 36.95
C LYS B 59 -9.57 -18.36 36.02
N LEU B 60 -9.95 -18.20 34.75
CA LEU B 60 -9.08 -17.64 33.73
C LEU B 60 -9.50 -16.25 33.27
N GLY B 61 -10.79 -15.93 33.31
CA GLY B 61 -11.24 -14.65 32.82
C GLY B 61 -12.61 -14.30 33.35
N ARG B 62 -12.94 -13.02 33.27
CA ARG B 62 -14.23 -12.50 33.71
C ARG B 62 -14.34 -11.02 33.39
N GLY B 63 -15.56 -10.54 33.15
CA GLY B 63 -15.78 -9.12 32.93
C GLY B 63 -17.25 -8.75 32.88
N LYS B 64 -17.83 -8.83 31.68
CA LYS B 64 -19.22 -8.43 31.45
C LYS B 64 -20.04 -9.51 30.76
N TYR B 65 -19.41 -10.53 30.17
CA TYR B 65 -20.12 -11.52 29.37
C TYR B 65 -20.08 -12.93 29.93
N SER B 66 -19.12 -13.27 30.78
CA SER B 66 -19.00 -14.66 31.23
C SER B 66 -17.93 -14.77 32.30
N GLU B 67 -17.88 -15.95 32.92
CA GLU B 67 -16.78 -16.38 33.77
C GLU B 67 -16.16 -17.63 33.15
N VAL B 68 -14.84 -17.67 33.08
CA VAL B 68 -14.12 -18.71 32.34
C VAL B 68 -13.22 -19.46 33.30
N PHE B 69 -13.30 -20.79 33.28
CA PHE B 69 -12.50 -21.64 34.14
C PHE B 69 -11.73 -22.67 33.33
N GLU B 70 -10.47 -22.86 33.69
CA GLU B 70 -9.77 -24.08 33.31
C GLU B 70 -10.42 -25.24 34.05
N ALA B 71 -10.64 -26.36 33.36
CA ALA B 71 -11.43 -27.45 33.90
C ALA B 71 -10.91 -28.78 33.37
N ILE B 72 -11.36 -29.85 34.02
CA ILE B 72 -11.09 -31.22 33.60
C ILE B 72 -12.43 -31.90 33.37
N ASN B 73 -12.58 -32.55 32.22
CA ASN B 73 -13.72 -33.43 31.98
C ASN B 73 -13.43 -34.73 32.74
N ILE B 74 -14.19 -34.96 33.81
CA ILE B 74 -13.88 -36.09 34.69
C ILE B 74 -14.10 -37.43 34.00
N THR B 75 -14.87 -37.46 32.91
CA THR B 75 -15.17 -38.73 32.24
C THR B 75 -14.02 -39.20 31.34
N ASN B 76 -13.12 -38.30 30.94
CA ASN B 76 -12.01 -38.68 30.07
C ASN B 76 -10.69 -38.03 30.46
N ASN B 77 -10.63 -37.23 31.53
CA ASN B 77 -9.42 -36.58 32.00
C ASN B 77 -8.89 -35.53 31.03
N GLU B 78 -9.72 -35.09 30.08
CA GLU B 78 -9.30 -34.05 29.14
C GLU B 78 -9.40 -32.69 29.80
N ARG B 79 -8.37 -31.88 29.62
CA ARG B 79 -8.39 -30.50 30.10
C ARG B 79 -9.15 -29.64 29.10
N VAL B 80 -10.04 -28.80 29.61
CA VAL B 80 -10.96 -28.01 28.81
C VAL B 80 -11.10 -26.63 29.47
N VAL B 81 -11.92 -25.78 28.86
CA VAL B 81 -12.30 -24.51 29.46
C VAL B 81 -13.83 -24.45 29.51
N VAL B 82 -14.36 -23.99 30.65
CA VAL B 82 -15.79 -23.81 30.83
C VAL B 82 -16.07 -22.30 30.87
N LYS B 83 -16.84 -21.82 29.90
CA LYS B 83 -17.23 -20.42 29.80
C LYS B 83 -18.69 -20.31 30.21
N ILE B 84 -18.93 -19.75 31.40
CA ILE B 84 -20.29 -19.58 31.92
C ILE B 84 -20.87 -18.32 31.32
N LEU B 85 -21.95 -18.47 30.56
CA LEU B 85 -22.57 -17.34 29.86
C LEU B 85 -23.40 -16.55 30.86
N LYS B 86 -22.94 -15.33 31.17
CA LYS B 86 -23.66 -14.42 32.06
C LYS B 86 -25.00 -14.04 31.45
N PRO B 87 -25.89 -13.41 32.21
CA PRO B 87 -27.21 -13.08 31.67
C PRO B 87 -27.12 -12.32 30.36
N VAL B 88 -27.81 -12.85 29.34
CA VAL B 88 -27.88 -12.22 28.02
C VAL B 88 -29.16 -12.68 27.36
N LYS B 89 -29.61 -11.92 26.36
CA LYS B 89 -30.76 -12.33 25.57
C LYS B 89 -30.50 -13.72 24.99
N LYS B 90 -31.49 -14.62 25.13
CA LYS B 90 -31.34 -15.97 24.64
C LYS B 90 -30.91 -16.00 23.17
N LYS B 91 -31.39 -15.04 22.39
CA LYS B 91 -31.04 -15.01 20.97
C LYS B 91 -29.53 -14.96 20.78
N LYS B 92 -28.82 -14.23 21.63
CA LYS B 92 -27.38 -14.10 21.48
C LYS B 92 -26.66 -15.36 21.93
N ILE B 93 -27.19 -16.09 22.91
CA ILE B 93 -26.62 -17.39 23.24
C ILE B 93 -26.75 -18.34 22.06
N LYS B 94 -27.95 -18.39 21.46
CA LYS B 94 -28.15 -19.26 20.31
C LYS B 94 -27.21 -18.89 19.18
N ARG B 95 -26.98 -17.59 18.98
CA ARG B 95 -26.09 -17.15 17.90
C ARG B 95 -24.68 -17.68 18.11
N GLU B 96 -24.12 -17.48 19.31
CA GLU B 96 -22.76 -17.93 19.56
C GLU B 96 -22.67 -19.45 19.44
N VAL B 97 -23.64 -20.16 19.99
CA VAL B 97 -23.60 -21.62 19.95
C VAL B 97 -23.66 -22.11 18.50
N LYS B 98 -24.62 -21.58 17.73
CA LYS B 98 -24.79 -22.05 16.37
C LYS B 98 -23.54 -21.75 15.53
N ILE B 99 -22.97 -20.55 15.69
CA ILE B 99 -21.76 -20.22 14.95
C ILE B 99 -20.63 -21.18 15.33
N LEU B 100 -20.44 -21.43 16.62
CA LEU B 100 -19.38 -22.34 17.03
C LEU B 100 -19.59 -23.75 16.47
N GLU B 101 -20.83 -24.21 16.47
CA GLU B 101 -21.12 -25.53 15.90
C GLU B 101 -20.83 -25.54 14.41
N ASN B 102 -21.19 -24.47 13.69
CA ASN B 102 -20.95 -24.42 12.26
C ASN B 102 -19.45 -24.40 11.94
N LEU B 103 -18.64 -23.88 12.83
CA LEU B 103 -17.21 -23.73 12.62
C LEU B 103 -16.40 -24.86 13.22
N ARG B 104 -17.07 -25.86 13.80
CA ARG B 104 -16.39 -27.02 14.36
C ARG B 104 -15.53 -27.67 13.29
N GLY B 105 -14.29 -28.00 13.65
CA GLY B 105 -13.36 -28.57 12.71
C GLY B 105 -12.63 -27.57 11.84
N GLY B 106 -13.00 -26.30 11.89
CA GLY B 106 -12.29 -25.30 11.11
C GLY B 106 -10.88 -25.08 11.64
N THR B 107 -9.98 -24.79 10.70
CA THR B 107 -8.57 -24.62 11.04
C THR B 107 -8.39 -23.44 11.98
N ASN B 108 -7.85 -23.72 13.18
CA ASN B 108 -7.46 -22.71 14.15
C ASN B 108 -8.66 -21.98 14.74
N ILE B 109 -9.86 -22.51 14.60
CA ILE B 109 -11.01 -22.02 15.36
C ILE B 109 -11.15 -22.84 16.62
N ILE B 110 -11.39 -22.17 17.76
CA ILE B 110 -11.55 -22.89 19.02
C ILE B 110 -12.67 -23.91 18.87
N LYS B 111 -12.42 -25.11 19.37
CA LYS B 111 -13.38 -26.20 19.27
C LYS B 111 -14.36 -26.15 20.44
N LEU B 112 -15.65 -26.05 20.13
CA LEU B 112 -16.70 -26.18 21.11
C LEU B 112 -16.94 -27.66 21.35
N ILE B 113 -16.71 -28.11 22.57
CA ILE B 113 -16.85 -29.52 22.91
C ILE B 113 -18.28 -29.84 23.30
N ASP B 114 -18.91 -28.97 24.08
CA ASP B 114 -20.26 -29.25 24.54
C ASP B 114 -20.90 -27.97 25.07
N THR B 115 -22.22 -28.03 25.23
CA THR B 115 -23.03 -26.99 25.83
C THR B 115 -23.71 -27.60 27.06
N VAL B 116 -23.48 -27.01 28.23
CA VAL B 116 -23.90 -27.62 29.49
C VAL B 116 -24.53 -26.55 30.38
N LYS B 117 -25.20 -27.03 31.43
CA LYS B 117 -25.78 -26.15 32.43
C LYS B 117 -25.45 -26.72 33.81
N ASP B 118 -25.10 -25.84 34.73
CA ASP B 118 -24.95 -26.24 36.12
C ASP B 118 -26.31 -26.72 36.64
N PRO B 119 -26.38 -27.88 37.28
CA PRO B 119 -27.70 -28.46 37.59
C PRO B 119 -28.55 -27.63 38.55
N VAL B 120 -27.95 -26.77 39.35
CA VAL B 120 -28.69 -25.99 40.33
C VAL B 120 -28.98 -24.58 39.85
N SER B 121 -28.02 -23.93 39.19
CA SER B 121 -28.24 -22.58 38.69
C SER B 121 -28.86 -22.55 37.30
N LYS B 122 -28.74 -23.63 36.54
CA LYS B 122 -29.25 -23.71 35.17
C LYS B 122 -28.65 -22.66 34.25
N THR B 123 -27.49 -22.10 34.63
CA THR B 123 -26.85 -21.08 33.82
C THR B 123 -26.17 -21.73 32.62
N PRO B 124 -26.45 -21.28 31.40
CA PRO B 124 -25.80 -21.90 30.23
C PRO B 124 -24.30 -21.67 30.23
N ALA B 125 -23.57 -22.68 29.77
CA ALA B 125 -22.12 -22.61 29.73
C ALA B 125 -21.63 -23.36 28.50
N LEU B 126 -20.50 -22.92 27.98
CA LEU B 126 -19.87 -23.52 26.82
C LEU B 126 -18.55 -24.15 27.23
N VAL B 127 -18.29 -25.35 26.72
CA VAL B 127 -17.06 -26.09 27.02
C VAL B 127 -16.21 -26.08 25.77
N PHE B 128 -14.97 -25.63 25.92
CA PHE B 128 -14.03 -25.52 24.82
C PHE B 128 -12.77 -26.34 25.07
N GLU B 129 -12.07 -26.70 24.00
CA GLU B 129 -10.72 -27.23 24.15
C GLU B 129 -9.85 -26.20 24.85
N TYR B 130 -8.90 -26.69 25.65
CA TYR B 130 -8.01 -25.81 26.40
C TYR B 130 -6.77 -25.50 25.58
N ILE B 131 -6.37 -24.23 25.62
CA ILE B 131 -5.10 -23.78 25.03
C ILE B 131 -4.29 -23.11 26.13
N ASN B 132 -3.03 -23.53 26.25
CA ASN B 132 -2.14 -22.98 27.28
C ASN B 132 -1.58 -21.66 26.73
N ASN B 133 -2.37 -20.59 26.89
CA ASN B 133 -2.07 -19.29 26.31
C ASN B 133 -0.96 -18.60 27.06
N THR B 134 -0.12 -17.89 26.32
CA THR B 134 0.76 -16.87 26.89
C THR B 134 0.16 -15.51 26.55
N ASP B 135 -0.20 -14.76 27.59
CA ASP B 135 -0.81 -13.45 27.40
C ASP B 135 0.03 -12.60 26.46
N PHE B 136 -0.64 -11.89 25.56
CA PHE B 136 0.06 -11.23 24.47
C PHE B 136 1.00 -10.15 24.97
N LYS B 137 0.72 -9.53 26.12
CA LYS B 137 1.60 -8.49 26.62
C LYS B 137 3.01 -9.03 26.89
N GLN B 138 3.10 -10.28 27.36
CA GLN B 138 4.41 -10.89 27.52
C GLN B 138 4.91 -11.49 26.21
N LEU B 139 4.03 -12.15 25.48
CA LEU B 139 4.45 -12.91 24.30
C LEU B 139 4.96 -12.00 23.21
N TYR B 140 4.23 -10.93 22.89
CA TYR B 140 4.56 -10.14 21.72
C TYR B 140 5.94 -9.49 21.84
N GLN B 141 6.48 -9.41 23.05
CA GLN B 141 7.79 -8.78 23.25
C GLN B 141 8.95 -9.75 23.04
N ILE B 142 8.69 -11.04 22.85
CA ILE B 142 9.72 -12.01 22.56
C ILE B 142 9.56 -12.69 21.21
N LEU B 143 8.51 -12.36 20.47
CA LEU B 143 8.35 -12.93 19.14
C LEU B 143 9.42 -12.40 18.19
N THR B 144 9.93 -13.29 17.36
CA THR B 144 10.80 -12.92 16.24
C THR B 144 9.96 -12.57 15.03
N ASP B 145 10.62 -12.04 14.00
CA ASP B 145 9.99 -11.84 12.70
C ASP B 145 9.32 -13.10 12.22
N PHE B 146 10.03 -14.22 12.23
CA PHE B 146 9.42 -15.47 11.79
C PHE B 146 8.18 -15.81 12.61
N ASP B 147 8.24 -15.63 13.93
CA ASP B 147 7.09 -15.96 14.77
C ASP B 147 5.87 -15.13 14.38
N ILE B 148 6.06 -13.82 14.12
CA ILE B 148 4.92 -12.99 13.76
C ILE B 148 4.32 -13.47 12.45
N ARG B 149 5.18 -13.76 11.48
CA ARG B 149 4.68 -14.30 10.22
C ARG B 149 3.89 -15.57 10.47
N PHE B 150 4.43 -16.45 11.31
CA PHE B 150 3.82 -17.76 11.54
C PHE B 150 2.44 -17.60 12.17
N TYR B 151 2.35 -16.81 13.24
CA TYR B 151 1.08 -16.71 13.95
C TYR B 151 0.07 -15.91 13.14
N MET B 152 0.51 -14.87 12.42
CA MET B 152 -0.41 -14.15 11.55
C MET B 152 -0.96 -15.05 10.47
N TYR B 153 -0.14 -15.94 9.94
CA TYR B 153 -0.62 -16.89 8.93
C TYR B 153 -1.66 -17.83 9.54
N GLU B 154 -1.38 -18.33 10.75
CA GLU B 154 -2.34 -19.21 11.40
C GLU B 154 -3.66 -18.50 11.68
N LEU B 155 -3.60 -17.22 12.05
CA LEU B 155 -4.82 -16.46 12.28
C LEU B 155 -5.58 -16.24 10.98
N LEU B 156 -4.86 -15.99 9.89
CA LEU B 156 -5.50 -15.86 8.59
C LEU B 156 -6.22 -17.12 8.20
N LYS B 157 -5.66 -18.29 8.52
CA LYS B 157 -6.36 -19.53 8.20
C LYS B 157 -7.71 -19.56 8.88
N ALA B 158 -7.76 -19.12 10.15
CA ALA B 158 -9.02 -19.10 10.87
C ALA B 158 -10.00 -18.14 10.25
N LEU B 159 -9.54 -16.95 9.84
CA LEU B 159 -10.43 -15.96 9.28
C LEU B 159 -10.92 -16.38 7.90
N ASP B 160 -10.04 -16.90 7.05
CA ASP B 160 -10.52 -17.38 5.77
C ASP B 160 -11.55 -18.48 5.98
N TYR B 161 -11.32 -19.36 6.93
CA TYR B 161 -12.28 -20.44 7.19
C TYR B 161 -13.63 -19.86 7.62
N CYS B 162 -13.63 -18.97 8.63
CA CYS B 162 -14.93 -18.49 9.09
C CYS B 162 -15.62 -17.65 8.01
N HIS B 163 -14.86 -16.84 7.27
CA HIS B 163 -15.48 -16.08 6.18
C HIS B 163 -16.06 -17.01 5.14
N SER B 164 -15.34 -18.08 4.81
CA SER B 164 -15.85 -19.06 3.85
C SER B 164 -17.11 -19.73 4.35
N LYS B 165 -17.27 -19.81 5.67
CA LYS B 165 -18.47 -20.35 6.32
C LYS B 165 -19.52 -19.27 6.56
N GLY B 166 -19.36 -18.10 5.93
CA GLY B 166 -20.39 -17.09 5.98
C GLY B 166 -20.47 -16.26 7.25
N ILE B 167 -19.40 -16.23 8.03
CA ILE B 167 -19.41 -15.67 9.37
C ILE B 167 -18.34 -14.60 9.48
N MET B 168 -18.70 -13.46 10.08
CA MET B 168 -17.78 -12.39 10.45
C MET B 168 -17.51 -12.54 11.94
N HIS B 169 -16.26 -12.48 12.37
CA HIS B 169 -15.92 -12.59 13.78
C HIS B 169 -16.32 -11.34 14.54
N ARG B 170 -15.91 -10.18 14.02
CA ARG B 170 -16.28 -8.86 14.55
C ARG B 170 -15.65 -8.51 15.89
N ASP B 171 -14.69 -9.30 16.38
CA ASP B 171 -13.99 -8.93 17.60
C ASP B 171 -12.56 -9.46 17.59
N VAL B 172 -11.91 -9.35 16.44
CA VAL B 172 -10.52 -9.78 16.36
C VAL B 172 -9.63 -8.79 17.09
N LYS B 173 -8.82 -9.30 18.02
CA LYS B 173 -7.90 -8.51 18.83
C LYS B 173 -7.01 -9.51 19.57
N PRO B 174 -5.85 -9.07 20.08
CA PRO B 174 -4.93 -10.02 20.72
C PRO B 174 -5.57 -10.81 21.83
N HIS B 175 -6.48 -10.19 22.58
CA HIS B 175 -7.13 -10.85 23.71
C HIS B 175 -7.99 -12.03 23.28
N ASN B 176 -8.40 -12.07 22.01
CA ASN B 176 -9.23 -13.15 21.50
C ASN B 176 -8.45 -14.13 20.64
N VAL B 177 -7.13 -14.11 20.72
CA VAL B 177 -6.28 -15.02 19.97
C VAL B 177 -5.41 -15.74 20.99
N MET B 178 -5.71 -17.02 21.21
CA MET B 178 -4.97 -17.84 22.16
C MET B 178 -3.77 -18.46 21.44
N ILE B 179 -2.59 -18.34 22.04
CA ILE B 179 -1.36 -18.85 21.45
C ILE B 179 -0.62 -19.66 22.49
N ASP B 180 -0.44 -20.95 22.21
CA ASP B 180 0.47 -21.81 22.95
C ASP B 180 1.82 -21.71 22.24
N HIS B 181 2.73 -20.91 22.78
CA HIS B 181 3.99 -20.65 22.09
C HIS B 181 4.94 -21.85 22.18
N GLN B 182 4.72 -22.80 23.09
CA GLN B 182 5.57 -23.98 23.18
C GLN B 182 5.21 -25.02 22.14
N GLN B 183 3.92 -25.27 21.95
CA GLN B 183 3.47 -26.21 20.92
C GLN B 183 3.13 -25.51 19.60
N LYS B 184 3.32 -24.18 19.51
CA LYS B 184 3.08 -23.42 18.29
C LYS B 184 1.64 -23.62 17.81
N LYS B 185 0.69 -23.38 18.70
CA LYS B 185 -0.72 -23.57 18.43
C LYS B 185 -1.44 -22.25 18.61
N LEU B 186 -2.36 -21.96 17.71
CA LEU B 186 -3.14 -20.73 17.78
C LEU B 186 -4.62 -21.07 17.61
N ARG B 187 -5.47 -20.43 18.41
CA ARG B 187 -6.91 -20.55 18.26
C ARG B 187 -7.57 -19.18 18.35
N LEU B 188 -8.47 -18.91 17.41
CA LEU B 188 -9.33 -17.72 17.49
C LEU B 188 -10.54 -18.04 18.36
N ILE B 189 -10.69 -17.30 19.46
CA ILE B 189 -11.73 -17.53 20.45
C ILE B 189 -12.72 -16.36 20.46
N ASP B 190 -13.71 -16.45 21.35
CA ASP B 190 -14.68 -15.43 21.65
C ASP B 190 -15.53 -15.06 20.46
N TRP B 191 -16.47 -15.94 20.13
CA TRP B 191 -17.38 -15.78 19.01
C TRP B 191 -18.69 -15.12 19.43
N GLY B 192 -18.70 -14.45 20.59
CA GLY B 192 -19.92 -13.86 21.11
C GLY B 192 -20.42 -12.65 20.33
N LEU B 193 -19.55 -12.01 19.55
CA LEU B 193 -19.97 -10.90 18.69
C LEU B 193 -20.12 -11.31 17.23
N ALA B 194 -19.83 -12.56 16.88
CA ALA B 194 -19.81 -12.97 15.50
C ALA B 194 -21.23 -12.97 14.93
N GLU B 195 -21.32 -12.76 13.62
N GLU B 195 -21.31 -12.84 13.61
CA GLU B 195 -22.59 -12.74 12.94
CA GLU B 195 -22.57 -12.68 12.91
C GLU B 195 -22.46 -13.45 11.60
C GLU B 195 -22.47 -13.33 11.54
N PHE B 196 -23.62 -13.76 11.03
CA PHE B 196 -23.71 -14.29 9.69
C PHE B 196 -23.79 -13.15 8.68
N TYR B 197 -22.98 -13.25 7.62
CA TYR B 197 -23.01 -12.25 6.55
C TYR B 197 -24.08 -12.58 5.54
N HIS B 198 -24.92 -11.58 5.25
CA HIS B 198 -25.95 -11.66 4.21
C HIS B 198 -25.81 -10.40 3.35
N PRO B 199 -25.70 -10.52 2.04
CA PRO B 199 -25.53 -9.32 1.21
C PRO B 199 -26.62 -8.30 1.46
N ALA B 200 -26.20 -7.03 1.57
CA ALA B 200 -27.04 -5.86 1.71
C ALA B 200 -27.58 -5.70 3.13
N GLN B 201 -27.31 -6.64 4.04
CA GLN B 201 -27.81 -6.49 5.40
C GLN B 201 -27.04 -5.38 6.11
N GLU B 202 -27.77 -4.58 6.87
CA GLU B 202 -27.17 -3.51 7.65
C GLU B 202 -26.96 -4.00 9.08
N TYR B 203 -25.73 -3.86 9.57
CA TYR B 203 -25.30 -4.42 10.84
C TYR B 203 -25.01 -3.31 11.84
N ASN B 204 -25.20 -3.63 13.12
CA ASN B 204 -24.88 -2.72 14.20
C ASN B 204 -23.39 -2.40 14.19
N VAL B 205 -23.05 -1.11 14.31
CA VAL B 205 -21.63 -0.75 14.30
C VAL B 205 -21.00 -0.86 15.69
N ARG B 206 -21.79 -1.14 16.73
CA ARG B 206 -21.26 -1.28 18.09
C ARG B 206 -20.76 -2.71 18.28
N VAL B 207 -19.70 -3.01 17.56
CA VAL B 207 -19.00 -4.27 17.62
C VAL B 207 -17.51 -3.95 17.66
N ALA B 208 -16.72 -4.99 17.90
CA ALA B 208 -15.28 -4.91 18.05
C ALA B 208 -14.89 -4.01 19.22
N SER B 209 -13.63 -4.07 19.62
CA SER B 209 -13.13 -3.20 20.66
C SER B 209 -12.51 -1.96 20.03
N ARG B 210 -12.58 -0.85 20.77
CA ARG B 210 -12.24 0.46 20.21
C ARG B 210 -11.02 0.44 19.30
N TYR B 211 -9.88 -0.07 19.79
CA TYR B 211 -8.64 0.09 19.06
C TYR B 211 -8.61 -0.73 17.78
N PHE B 212 -9.53 -1.67 17.64
CA PHE B 212 -9.61 -2.58 16.49
C PHE B 212 -10.81 -2.32 15.61
N LYS B 213 -11.58 -1.28 15.91
CA LYS B 213 -12.74 -0.94 15.09
C LYS B 213 -12.30 -0.37 13.75
N GLY B 214 -12.86 -0.90 12.68
CA GLY B 214 -12.62 -0.35 11.37
C GLY B 214 -13.26 1.02 11.20
N PRO B 215 -12.72 1.80 10.28
CA PRO B 215 -13.33 3.12 10.02
C PRO B 215 -14.81 3.05 9.71
N GLU B 216 -15.27 1.99 9.04
CA GLU B 216 -16.69 1.86 8.75
C GLU B 216 -17.52 1.91 10.03
N LEU B 217 -17.05 1.30 11.11
CA LEU B 217 -17.80 1.33 12.35
C LEU B 217 -17.80 2.73 12.94
N LEU B 218 -16.66 3.40 12.89
CA LEU B 218 -16.48 4.72 13.49
C LEU B 218 -17.31 5.79 12.82
N VAL B 219 -17.70 5.59 11.57
CA VAL B 219 -18.49 6.55 10.81
C VAL B 219 -19.89 6.02 10.50
N ASP B 220 -20.34 4.99 11.21
CA ASP B 220 -21.72 4.52 11.15
C ASP B 220 -22.10 3.93 9.79
N TYR B 221 -21.15 3.33 9.08
CA TYR B 221 -21.45 2.64 7.84
C TYR B 221 -21.84 1.19 8.17
N GLN B 222 -23.14 0.88 8.03
CA GLN B 222 -23.68 -0.38 8.54
C GLN B 222 -23.58 -1.53 7.54
N MET B 223 -23.33 -1.25 6.27
CA MET B 223 -23.36 -2.32 5.26
C MET B 223 -21.96 -2.90 5.08
N TYR B 224 -21.39 -3.35 6.19
CA TYR B 224 -20.03 -3.87 6.20
C TYR B 224 -20.04 -5.39 6.03
N ASP B 225 -18.85 -5.97 6.00
CA ASP B 225 -18.71 -7.39 5.66
C ASP B 225 -17.46 -7.99 6.31
N TYR B 226 -17.04 -9.16 5.85
CA TYR B 226 -15.89 -9.85 6.40
C TYR B 226 -14.66 -8.96 6.48
N SER B 227 -14.56 -7.98 5.57
CA SER B 227 -13.41 -7.08 5.53
C SER B 227 -13.20 -6.30 6.81
N LEU B 228 -14.23 -6.16 7.64
CA LEU B 228 -14.06 -5.61 8.98
C LEU B 228 -12.98 -6.36 9.75
N ASP B 229 -13.00 -7.68 9.66
CA ASP B 229 -12.03 -8.50 10.40
C ASP B 229 -10.62 -8.30 9.87
N MET B 230 -10.49 -7.97 8.57
CA MET B 230 -9.19 -7.73 7.97
C MET B 230 -8.59 -6.42 8.45
N TRP B 231 -9.41 -5.39 8.72
CA TRP B 231 -8.91 -4.20 9.38
C TRP B 231 -8.35 -4.57 10.76
N SER B 232 -9.13 -5.31 11.56
CA SER B 232 -8.65 -5.67 12.89
C SER B 232 -7.34 -6.45 12.81
N LEU B 233 -7.24 -7.37 11.85
N LEU B 233 -7.27 -7.40 11.88
CA LEU B 233 -6.00 -8.12 11.71
CA LEU B 233 -6.03 -8.13 11.65
C LEU B 233 -4.83 -7.23 11.30
C LEU B 233 -4.87 -7.18 11.38
N GLY B 234 -5.09 -6.22 10.47
CA GLY B 234 -4.05 -5.25 10.18
C GLY B 234 -3.62 -4.46 11.39
N CYS B 235 -4.56 -4.12 12.27
CA CYS B 235 -4.19 -3.43 13.52
C CYS B 235 -3.27 -4.29 14.35
N MET B 236 -3.57 -5.58 14.42
CA MET B 236 -2.70 -6.49 15.16
C MET B 236 -1.32 -6.59 14.52
N LEU B 237 -1.26 -6.75 13.20
CA LEU B 237 0.03 -6.83 12.52
C LEU B 237 0.86 -5.58 12.78
N ALA B 238 0.24 -4.41 12.68
CA ALA B 238 0.97 -3.17 12.91
C ALA B 238 1.54 -3.14 14.31
N SER B 239 0.75 -3.53 15.32
CA SER B 239 1.26 -3.47 16.67
C SER B 239 2.39 -4.47 16.87
N MET B 240 2.29 -5.66 16.27
N MET B 240 2.32 -5.62 16.22
CA MET B 240 3.34 -6.66 16.41
CA MET B 240 3.32 -6.66 16.42
C MET B 240 4.64 -6.15 15.81
C MET B 240 4.64 -6.33 15.74
N ILE B 241 4.61 -5.71 14.55
CA ILE B 241 5.85 -5.36 13.88
C ILE B 241 6.41 -4.03 14.36
N PHE B 242 5.57 -3.07 14.74
CA PHE B 242 6.06 -1.77 15.13
C PHE B 242 6.22 -1.61 16.63
N ARG B 243 5.63 -2.50 17.43
CA ARG B 243 5.71 -2.46 18.88
C ARG B 243 4.99 -1.25 19.49
N ARG B 244 4.16 -0.55 18.71
CA ARG B 244 3.23 0.44 19.24
C ARG B 244 1.92 -0.30 19.47
N GLU B 245 1.57 -0.54 20.73
CA GLU B 245 0.46 -1.43 21.08
C GLU B 245 -0.45 -0.74 22.08
N PRO B 246 -1.72 -0.52 21.75
CA PRO B 246 -2.35 -0.72 20.43
C PRO B 246 -1.75 0.26 19.42
N PHE B 247 -1.88 -0.03 18.13
CA PHE B 247 -1.29 0.84 17.12
C PHE B 247 -2.06 2.14 16.99
N PHE B 248 -3.39 2.06 17.01
CA PHE B 248 -4.27 3.23 16.94
C PHE B 248 -4.95 3.36 18.30
N HIS B 249 -4.48 4.28 19.12
CA HIS B 249 -4.89 4.31 20.53
C HIS B 249 -5.84 5.49 20.78
N GLY B 250 -7.08 5.33 20.35
CA GLY B 250 -8.05 6.37 20.56
C GLY B 250 -8.47 6.47 22.01
N GLN B 251 -8.74 7.71 22.44
CA GLN B 251 -9.24 7.96 23.78
C GLN B 251 -10.76 7.95 23.86
N ASP B 252 -11.43 7.98 22.72
CA ASP B 252 -12.87 7.76 22.61
C ASP B 252 -13.11 7.29 21.18
N ASN B 253 -14.37 7.00 20.86
CA ASN B 253 -14.64 6.50 19.51
C ASN B 253 -14.37 7.57 18.46
N TYR B 254 -14.48 8.85 18.82
CA TYR B 254 -14.15 9.91 17.88
C TYR B 254 -12.64 9.98 17.68
N ASP B 255 -11.90 10.05 18.77
CA ASP B 255 -10.46 10.14 18.68
C ASP B 255 -9.87 8.93 17.99
N GLN B 256 -10.55 7.78 18.08
CA GLN B 256 -10.08 6.60 17.36
C GLN B 256 -9.94 6.89 15.87
N LEU B 257 -10.93 7.55 15.28
CA LEU B 257 -10.82 7.89 13.86
C LEU B 257 -9.71 8.90 13.63
N VAL B 258 -9.53 9.84 14.56
CA VAL B 258 -8.46 10.82 14.43
C VAL B 258 -7.10 10.12 14.40
N ARG B 259 -6.92 9.14 15.30
CA ARG B 259 -5.65 8.42 15.32
C ARG B 259 -5.40 7.72 13.98
N ILE B 260 -6.45 7.15 13.38
CA ILE B 260 -6.30 6.50 12.08
C ILE B 260 -5.94 7.54 11.01
N ALA B 261 -6.64 8.68 11.01
CA ALA B 261 -6.41 9.70 9.98
C ALA B 261 -5.02 10.30 10.08
N LYS B 262 -4.42 10.32 11.27
CA LYS B 262 -3.06 10.80 11.39
C LYS B 262 -2.08 9.93 10.63
N VAL B 263 -2.46 8.71 10.28
CA VAL B 263 -1.61 7.77 9.54
C VAL B 263 -2.04 7.67 8.09
N LEU B 264 -3.31 7.36 7.84
N LEU B 264 -3.31 7.39 7.85
CA LEU B 264 -3.78 7.13 6.49
CA LEU B 264 -3.82 7.13 6.51
C LEU B 264 -4.01 8.42 5.71
C LEU B 264 -4.18 8.38 5.73
N GLY B 265 -4.22 9.53 6.39
CA GLY B 265 -4.45 10.81 5.72
C GLY B 265 -5.93 11.19 5.68
N THR B 266 -6.19 12.49 5.72
CA THR B 266 -7.57 12.97 5.75
C THR B 266 -8.18 13.07 4.36
N GLU B 267 -7.39 13.40 3.34
CA GLU B 267 -7.93 13.43 1.98
C GLU B 267 -8.37 12.02 1.56
N GLU B 268 -7.63 10.99 1.96
CA GLU B 268 -8.05 9.63 1.68
C GLU B 268 -9.32 9.28 2.44
N LEU B 269 -9.46 9.81 3.66
CA LEU B 269 -10.70 9.62 4.42
C LEU B 269 -11.88 10.24 3.68
N TYR B 270 -11.75 11.50 3.26
CA TYR B 270 -12.88 12.16 2.61
C TYR B 270 -13.21 11.48 1.28
N GLY B 271 -12.21 10.94 0.58
CA GLY B 271 -12.50 10.19 -0.63
C GLY B 271 -13.32 8.97 -0.33
N TYR B 272 -12.97 8.26 0.76
CA TYR B 272 -13.76 7.11 1.19
C TYR B 272 -15.17 7.52 1.56
N LEU B 273 -15.30 8.60 2.35
CA LEU B 273 -16.62 9.05 2.76
C LEU B 273 -17.45 9.47 1.55
N LYS B 274 -16.82 10.11 0.57
CA LYS B 274 -17.54 10.52 -0.63
C LYS B 274 -18.03 9.30 -1.41
N LYS B 275 -17.18 8.28 -1.54
CA LYS B 275 -17.55 7.10 -2.31
C LYS B 275 -18.79 6.42 -1.74
N TYR B 276 -18.89 6.34 -0.42
CA TYR B 276 -19.98 5.64 0.23
C TYR B 276 -21.06 6.56 0.75
N HIS B 277 -20.97 7.85 0.41
CA HIS B 277 -22.00 8.83 0.79
C HIS B 277 -22.17 8.93 2.29
N ILE B 278 -21.04 8.96 3.00
CA ILE B 278 -21.04 9.00 4.45
C ILE B 278 -20.88 10.45 4.90
N ASP B 279 -21.80 10.91 5.74
CA ASP B 279 -21.76 12.26 6.30
C ASP B 279 -21.31 12.16 7.75
N LEU B 280 -20.28 12.91 8.10
CA LEU B 280 -19.73 12.85 9.44
C LEU B 280 -20.57 13.57 10.49
N ASP B 281 -20.64 12.95 11.67
CA ASP B 281 -21.12 13.57 12.89
C ASP B 281 -20.45 14.92 13.06
N PRO B 282 -21.19 15.97 13.42
CA PRO B 282 -20.57 17.31 13.47
C PRO B 282 -19.43 17.46 14.46
N HIS B 283 -19.34 16.60 15.46
CA HIS B 283 -18.21 16.68 16.38
C HIS B 283 -16.88 16.48 15.67
N PHE B 284 -16.86 15.75 14.56
CA PHE B 284 -15.59 15.49 13.89
C PHE B 284 -14.94 16.75 13.31
N ASN B 285 -15.75 17.75 12.94
CA ASN B 285 -15.21 18.93 12.27
C ASN B 285 -14.13 19.60 13.10
N ASP B 286 -14.25 19.55 14.42
CA ASP B 286 -13.36 20.28 15.31
C ASP B 286 -12.18 19.45 15.80
N ILE B 287 -12.02 18.21 15.33
CA ILE B 287 -10.93 17.38 15.82
C ILE B 287 -10.15 16.66 14.73
N LEU B 288 -10.69 16.47 13.52
CA LEU B 288 -9.96 15.67 12.53
C LEU B 288 -8.74 16.40 12.00
N GLY B 289 -8.84 17.71 11.83
CA GLY B 289 -7.73 18.48 11.29
C GLY B 289 -7.39 18.05 9.87
N GLN B 290 -6.12 18.25 9.51
CA GLN B 290 -5.61 17.88 8.19
C GLN B 290 -4.33 17.10 8.39
N HIS B 291 -4.24 15.93 7.75
CA HIS B 291 -3.08 15.06 7.88
C HIS B 291 -2.79 14.42 6.53
N SER B 292 -1.52 14.44 6.14
CA SER B 292 -1.12 13.75 4.93
C SER B 292 -0.93 12.26 5.21
N ARG B 293 -1.13 11.45 4.18
CA ARG B 293 -0.85 10.02 4.32
C ARG B 293 0.62 9.81 4.64
N LYS B 294 0.88 9.07 5.71
CA LYS B 294 2.25 8.80 6.15
C LYS B 294 2.76 7.54 5.48
N ARG B 295 4.03 7.57 5.08
CA ARG B 295 4.69 6.35 4.63
C ARG B 295 4.89 5.42 5.82
N TRP B 296 4.63 4.14 5.60
CA TRP B 296 4.73 3.19 6.70
C TRP B 296 6.15 3.09 7.26
N GLU B 297 7.15 3.40 6.43
CA GLU B 297 8.53 3.40 6.92
C GLU B 297 8.75 4.43 8.01
N ASN B 298 7.88 5.44 8.10
CA ASN B 298 8.00 6.44 9.14
C ASN B 298 7.91 5.85 10.54
N PHE B 299 7.33 4.66 10.68
CA PHE B 299 7.11 4.07 12.01
C PHE B 299 8.26 3.18 12.45
N ILE B 300 9.26 3.00 11.60
CA ILE B 300 10.41 2.18 11.93
C ILE B 300 11.38 2.97 12.78
N HIS B 301 11.90 2.34 13.83
CA HIS B 301 13.02 2.90 14.59
C HIS B 301 13.81 1.75 15.19
N SER B 302 14.81 2.07 16.01
CA SER B 302 15.76 1.04 16.42
C SER B 302 15.10 -0.06 17.24
N GLU B 303 13.98 0.22 17.90
CA GLU B 303 13.35 -0.78 18.75
C GLU B 303 12.49 -1.77 17.99
N ASN B 304 12.15 -1.49 16.73
CA ASN B 304 11.28 -2.39 15.97
C ASN B 304 11.87 -2.79 14.63
N ARG B 305 13.05 -2.31 14.27
CA ARG B 305 13.60 -2.59 12.94
C ARG B 305 13.74 -4.08 12.70
N HIS B 306 14.02 -4.85 13.75
CA HIS B 306 14.24 -6.30 13.63
C HIS B 306 12.94 -7.08 13.39
N LEU B 307 11.79 -6.42 13.36
CA LEU B 307 10.51 -7.05 13.08
C LEU B 307 9.90 -6.57 11.77
N VAL B 308 10.42 -5.49 11.21
CA VAL B 308 9.89 -4.89 10.00
C VAL B 308 10.74 -5.32 8.80
N SER B 309 10.09 -5.43 7.66
CA SER B 309 10.71 -5.72 6.38
C SER B 309 9.88 -5.04 5.32
N PRO B 310 10.42 -4.84 4.12
CA PRO B 310 9.59 -4.25 3.06
C PRO B 310 8.33 -5.05 2.79
N GLU B 311 8.41 -6.37 2.89
CA GLU B 311 7.24 -7.20 2.62
C GLU B 311 6.18 -7.01 3.69
N ALA B 312 6.58 -6.88 4.95
CA ALA B 312 5.61 -6.60 6.01
C ALA B 312 4.87 -5.31 5.74
N LEU B 313 5.58 -4.27 5.30
CA LEU B 313 4.93 -2.99 5.09
C LEU B 313 4.04 -3.01 3.86
N ASP B 314 4.44 -3.76 2.84
CA ASP B 314 3.59 -3.90 1.66
C ASP B 314 2.28 -4.55 2.03
N LEU B 315 2.33 -5.61 2.85
CA LEU B 315 1.10 -6.26 3.28
C LEU B 315 0.27 -5.33 4.16
N LEU B 316 0.90 -4.69 5.13
CA LEU B 316 0.16 -3.84 6.05
C LEU B 316 -0.58 -2.75 5.31
N ASP B 317 0.08 -2.14 4.34
CA ASP B 317 -0.53 -1.08 3.54
C ASP B 317 -1.78 -1.55 2.83
N LYS B 318 -1.86 -2.82 2.50
CA LYS B 318 -2.98 -3.40 1.79
C LYS B 318 -4.08 -3.92 2.71
N LEU B 319 -3.84 -3.94 4.02
CA LEU B 319 -4.87 -4.27 5.00
C LEU B 319 -5.49 -3.03 5.60
N LEU B 320 -4.66 -2.07 6.00
CA LEU B 320 -5.12 -0.86 6.68
C LEU B 320 -5.46 0.19 5.63
N ARG B 321 -6.61 -0.02 5.01
CA ARG B 321 -7.18 0.92 4.05
C ARG B 321 -8.56 1.32 4.53
N TYR B 322 -8.90 2.60 4.38
CA TYR B 322 -10.23 3.05 4.73
C TYR B 322 -11.29 2.22 4.00
N ASP B 323 -11.12 2.08 2.67
CA ASP B 323 -12.13 1.46 1.83
C ASP B 323 -12.11 -0.04 2.09
N HIS B 324 -13.12 -0.50 2.83
CA HIS B 324 -13.23 -1.90 3.21
C HIS B 324 -13.18 -2.81 1.99
N GLN B 325 -13.75 -2.37 0.87
CA GLN B 325 -13.76 -3.19 -0.33
C GLN B 325 -12.39 -3.37 -0.94
N GLN B 326 -11.46 -2.48 -0.67
CA GLN B 326 -10.14 -2.56 -1.26
C GLN B 326 -9.14 -3.29 -0.38
N ARG B 327 -9.48 -3.57 0.88
CA ARG B 327 -8.59 -4.36 1.71
C ARG B 327 -8.42 -5.76 1.14
N LEU B 328 -7.26 -6.36 1.35
CA LEU B 328 -7.09 -7.76 0.98
C LEU B 328 -8.10 -8.62 1.71
N THR B 329 -8.58 -9.65 1.04
CA THR B 329 -9.31 -10.72 1.69
C THR B 329 -8.32 -11.58 2.47
N ALA B 330 -8.84 -12.45 3.34
CA ALA B 330 -7.94 -13.31 4.09
C ALA B 330 -7.12 -14.19 3.16
N LYS B 331 -7.77 -14.74 2.14
CA LYS B 331 -7.06 -15.60 1.18
C LYS B 331 -6.00 -14.83 0.40
N GLU B 332 -6.32 -13.61 -0.04
CA GLU B 332 -5.31 -12.78 -0.71
C GLU B 332 -4.14 -12.50 0.22
N ALA B 333 -4.43 -12.20 1.48
CA ALA B 333 -3.35 -11.92 2.42
C ALA B 333 -2.44 -13.15 2.57
N MET B 334 -3.03 -14.34 2.60
N MET B 334 -3.03 -14.34 2.61
CA MET B 334 -2.24 -15.55 2.75
CA MET B 334 -2.21 -15.55 2.77
C MET B 334 -1.30 -15.79 1.58
C MET B 334 -1.28 -15.78 1.58
N GLU B 335 -1.59 -15.22 0.42
CA GLU B 335 -0.73 -15.34 -0.75
C GLU B 335 0.37 -14.30 -0.77
N HIS B 336 0.43 -13.39 0.19
CA HIS B 336 1.38 -12.32 0.14
C HIS B 336 2.79 -12.84 0.42
N PRO B 337 3.82 -12.28 -0.24
CA PRO B 337 5.19 -12.71 0.02
C PRO B 337 5.66 -12.63 1.47
N TYR B 338 5.05 -11.77 2.29
CA TYR B 338 5.41 -11.76 3.71
C TYR B 338 5.33 -13.14 4.32
N PHE B 339 4.39 -13.97 3.85
CA PHE B 339 4.19 -15.29 4.43
C PHE B 339 5.01 -16.38 3.75
N TYR B 340 5.79 -16.05 2.72
CA TYR B 340 6.59 -17.05 2.03
C TYR B 340 7.40 -17.92 2.98
N PRO B 341 8.10 -17.38 3.97
CA PRO B 341 8.88 -18.25 4.87
C PRO B 341 8.05 -19.28 5.61
N VAL B 342 6.77 -18.99 5.83
CA VAL B 342 5.89 -19.88 6.56
C VAL B 342 5.29 -20.92 5.65
N VAL B 343 4.86 -20.52 4.46
CA VAL B 343 4.24 -21.46 3.53
C VAL B 343 5.23 -22.56 3.13
N LYS B 344 6.51 -22.19 2.96
CA LYS B 344 7.50 -23.19 2.56
C LYS B 344 7.79 -24.17 3.69
N GLU B 345 7.84 -23.68 4.93
CA GLU B 345 8.11 -24.56 6.06
C GLU B 345 7.00 -25.60 6.23
N GLN B 346 5.76 -25.20 5.96
CA GLN B 346 4.61 -26.10 6.07
C GLN B 346 4.41 -26.91 4.79
N SER B 347 5.50 -27.47 4.27
CA SER B 347 5.46 -28.22 3.02
C SER B 347 6.49 -29.34 3.03
PG ANP C . 2.03 12.73 -8.79
O1G ANP C . 3.06 13.03 -7.73
O2G ANP C . 2.71 12.57 -10.15
O3G ANP C . 1.29 11.47 -8.39
PB ANP C . 0.89 15.49 -8.19
O1B ANP C . 2.24 15.62 -7.52
O2B ANP C . -0.20 15.60 -7.15
N3B ANP C . 0.84 13.97 -8.98
PA ANP C . 1.64 16.95 -10.56
O1A ANP C . 2.09 15.64 -11.10
O2A ANP C . 2.73 17.81 -10.23
O3A ANP C . 0.74 16.73 -9.22
O5' ANP C . 0.54 17.63 -11.50
C5' ANP C . -0.73 17.01 -11.55
C4' ANP C . -1.46 17.50 -12.80
O4' ANP C . -1.58 18.79 -12.72
C3' ANP C . -0.64 17.21 -14.08
O3' ANP C . -0.80 15.92 -14.51
C2' ANP C . -1.25 18.29 -14.97
O2' ANP C . -2.60 17.76 -15.44
C1' ANP C . -1.39 19.34 -14.19
N9 ANP C . -0.24 20.23 -14.12
C8 ANP C . 0.78 20.24 -13.26
N7 ANP C . 1.68 21.20 -13.55
C5 ANP C . 1.15 21.83 -14.63
C6 ANP C . 1.56 22.93 -15.40
N6 ANP C . 2.77 23.62 -15.10
N1 ANP C . 0.80 23.31 -16.41
C2 ANP C . -0.33 22.67 -16.71
N3 ANP C . -0.79 21.64 -16.02
C4 ANP C . -0.05 21.22 -15.00
HNB1 ANP C . 0.18 13.81 -9.51
H5'1 ANP C . -1.24 17.25 -10.76
H5'2 ANP C . -0.62 16.05 -11.59
H4' ANP C . -2.33 17.08 -12.89
H3' ANP C . 0.32 17.31 -14.01
HO3' ANP C . -0.15 15.71 -15.02
H2' ANP C . -0.68 18.52 -15.71
HO2' ANP C . -2.86 18.25 -16.09
H1' ANP C . -2.16 19.81 -14.55
H8 ANP C . 0.86 19.65 -12.55
HN61 ANP C . 3.34 23.29 -14.54
HN62 ANP C . 2.95 24.38 -15.49
H2 ANP C . -0.82 22.98 -17.45
MG MG D . 2.98 14.10 -10.96
PG ANP E . -14.91 -10.27 25.63
O1G ANP E . -14.87 -8.97 26.41
O2G ANP E . -16.22 -10.35 24.89
O3G ANP E . -13.75 -10.30 24.66
PB ANP E . -15.83 -12.91 26.62
O1B ANP E . -16.39 -13.03 25.22
O2B ANP E . -16.94 -12.76 27.64
N3B ANP E . -14.77 -11.57 26.72
PA ANP E . -13.79 -14.95 26.09
O1A ANP E . -14.35 -16.04 25.22
O2A ANP E . -13.13 -13.88 25.25
O3A ANP E . -14.99 -14.29 27.00
O5' ANP E . -12.68 -15.58 27.15
C5' ANP E . -12.17 -14.71 28.12
C4' ANP E . -10.77 -15.24 28.59
O4' ANP E . -10.87 -16.44 29.01
C3' ANP E . -9.78 -15.27 27.39
O3' ANP E . -9.15 -14.08 27.19
C2' ANP E . -8.81 -16.35 27.86
O2' ANP E . -7.79 -15.73 28.80
C1' ANP E . -9.55 -17.22 28.50
N9 ANP E . -9.95 -18.28 27.61
C8 ANP E . -11.07 -18.31 26.90
N7 ANP E . -11.11 -19.42 26.19
C5 ANP E . -9.97 -20.10 26.42
C6 ANP E . -9.43 -21.32 25.98
N6 ANP E . -10.15 -22.14 25.04
N1 ANP E . -8.26 -21.72 26.45
C2 ANP E . -7.57 -20.99 27.33
N3 ANP E . -8.05 -19.84 27.78
C4 ANP E . -9.23 -19.38 27.35
HNB1 ANP E . -14.16 -11.56 27.32
H5'1 ANP E . -12.07 -13.82 27.74
H5'2 ANP E . -12.77 -14.67 28.88
H4' ANP E . -10.42 -14.67 29.30
H3' ANP E . -10.21 -15.50 26.56
HO3' ANP E . -8.52 -14.18 26.64
H2' ANP E . -8.36 -16.77 27.11
HO2' ANP E . -7.04 -16.13 28.71
H1' ANP E . -9.05 -17.56 29.26
H8 ANP E . -11.73 -17.66 26.91
HN61 ANP E . -10.03 -22.99 25.01
HN62 ANP E . -10.73 -21.78 24.50
H2 ANP E . -6.75 -21.31 27.63
MG MG F . -12.82 -12.01 24.56
MG MG G . -16.74 -11.83 23.48
#